data_1XO7
#
_entry.id   1XO7
#
_cell.length_a   53.314
_cell.length_b   62.142
_cell.length_c   64.638
_cell.angle_alpha   109.55
_cell.angle_beta   104.21
_cell.angle_gamma   104.92
#
_symmetry.space_group_name_H-M   'P 1'
#
loop_
_entity.id
_entity.type
_entity.pdbx_description
1 polymer cyclophilin
2 water water
#
_entity_poly.entity_id   1
_entity_poly.type   'polypeptide(L)'
_entity_poly.pdbx_seq_one_letter_code
;MPVVTDKVYFDITIGDEPVGRVVIGLFGNDVPKTVENFKQLASGENGFGYKGSIFHRVIRNFMIQGGDFTNFDGTGGKSI
YGTRFDDENLKIKHFVGAVSMANAGPNSNGSQFFVTTAPTPWLDGRHVVFGKVVEGMDVVKKVENTKTGLNDKPKKAVKI
NDCGVL
;
_entity_poly.pdbx_strand_id   A,B,C,D
#
# COMPACT_ATOMS: atom_id res chain seq x y z
N MET A 1 -12.93 24.93 -48.67
CA MET A 1 -13.51 24.11 -47.54
C MET A 1 -12.58 24.14 -46.31
N PRO A 2 -13.17 24.13 -45.12
CA PRO A 2 -12.26 24.03 -43.95
C PRO A 2 -11.55 22.70 -43.86
N VAL A 3 -10.26 22.76 -43.42
CA VAL A 3 -9.53 21.52 -43.31
C VAL A 3 -9.89 20.63 -42.11
N VAL A 4 -9.97 19.34 -42.30
CA VAL A 4 -10.28 18.49 -41.14
C VAL A 4 -8.97 18.13 -40.50
N THR A 5 -8.91 18.31 -39.17
CA THR A 5 -7.70 18.14 -38.42
C THR A 5 -7.83 17.06 -37.35
N ASP A 6 -9.02 16.56 -37.06
CA ASP A 6 -9.21 15.58 -35.94
C ASP A 6 -10.53 14.88 -36.26
N LYS A 7 -10.78 13.74 -35.68
CA LYS A 7 -12.09 13.07 -35.90
C LYS A 7 -12.60 12.48 -34.62
N VAL A 8 -13.92 12.57 -34.45
CA VAL A 8 -14.61 11.95 -33.29
C VAL A 8 -15.63 10.94 -33.78
N TYR A 9 -15.72 9.80 -33.08
CA TYR A 9 -16.81 8.85 -33.39
C TYR A 9 -17.92 8.81 -32.36
N PHE A 10 -19.15 8.47 -32.83
CA PHE A 10 -20.28 8.20 -31.99
C PHE A 10 -20.82 6.86 -32.47
N ASP A 11 -20.90 5.88 -31.54
CA ASP A 11 -21.64 4.65 -31.80
C ASP A 11 -23.04 4.80 -31.24
N ILE A 12 -24.03 4.76 -32.15
CA ILE A 12 -25.40 5.14 -31.72
C ILE A 12 -26.39 3.96 -31.58
N THR A 13 -27.19 3.97 -30.52
CA THR A 13 -28.34 3.02 -30.44
C THR A 13 -29.67 3.69 -30.50
N ILE A 14 -30.67 3.01 -31.07
CA ILE A 14 -32.05 3.47 -30.93
C ILE A 14 -32.85 2.36 -30.17
N GLY A 15 -33.40 2.70 -28.99
CA GLY A 15 -34.14 1.80 -28.07
C GLY A 15 -33.19 0.69 -27.74
N ASP A 16 -31.91 1.01 -27.49
CA ASP A 16 -30.88 -0.02 -27.16
C ASP A 16 -30.56 -0.98 -28.31
N GLU A 17 -31.08 -0.75 -29.53
CA GLU A 17 -30.57 -1.48 -30.69
C GLU A 17 -29.45 -0.68 -31.46
N PRO A 18 -28.30 -1.32 -31.77
CA PRO A 18 -27.21 -0.60 -32.50
C PRO A 18 -27.65 -0.28 -33.94
N VAL A 19 -27.47 0.97 -34.30
CA VAL A 19 -27.81 1.39 -35.68
C VAL A 19 -26.58 1.93 -36.43
N GLY A 20 -25.37 1.94 -35.81
CA GLY A 20 -24.21 2.34 -36.56
C GLY A 20 -23.38 3.45 -35.95
N ARG A 21 -22.30 3.80 -36.65
CA ARG A 21 -21.29 4.76 -36.20
C ARG A 21 -21.37 6.00 -37.10
N VAL A 22 -21.36 7.18 -36.47
CA VAL A 22 -21.16 8.49 -37.20
C VAL A 22 -19.71 8.92 -36.86
N VAL A 23 -18.97 9.39 -37.84
CA VAL A 23 -17.61 9.91 -37.66
C VAL A 23 -17.67 11.37 -38.08
N ILE A 24 -17.28 12.30 -37.16
CA ILE A 24 -17.29 13.69 -37.48
C ILE A 24 -15.86 14.21 -37.63
N GLY A 25 -15.60 14.91 -38.71
CA GLY A 25 -14.32 15.56 -39.02
C GLY A 25 -14.41 16.98 -38.51
N LEU A 26 -13.32 17.40 -37.86
CA LEU A 26 -13.36 18.62 -37.07
C LEU A 26 -12.38 19.67 -37.67
N PHE A 27 -12.80 20.97 -37.56
CA PHE A 27 -12.09 22.03 -38.29
C PHE A 27 -11.15 22.77 -37.34
N GLY A 28 -10.14 22.00 -36.84
CA GLY A 28 -9.31 22.57 -35.78
C GLY A 28 -8.36 23.73 -36.12
N ASN A 29 -8.20 24.03 -37.41
CA ASN A 29 -7.39 25.15 -37.77
C ASN A 29 -8.23 26.43 -37.75
N ASP A 30 -9.55 26.30 -37.95
CA ASP A 30 -10.42 27.47 -37.95
C ASP A 30 -11.07 27.78 -36.59
N VAL A 31 -11.44 26.73 -35.86
CA VAL A 31 -12.02 26.91 -34.54
C VAL A 31 -11.41 25.93 -33.54
N PRO A 32 -10.15 26.16 -33.20
CA PRO A 32 -9.46 25.23 -32.31
C PRO A 32 -10.07 25.15 -30.94
N LYS A 33 -10.60 26.22 -30.36
CA LYS A 33 -11.12 26.10 -29.00
C LYS A 33 -12.43 25.29 -28.98
N THR A 34 -13.26 25.56 -29.99
CA THR A 34 -14.53 24.75 -30.11
C THR A 34 -14.27 23.28 -30.40
N VAL A 35 -13.23 22.98 -31.18
CA VAL A 35 -12.88 21.57 -31.52
C VAL A 35 -12.31 20.89 -30.28
N GLU A 36 -11.41 21.60 -29.51
CA GLU A 36 -10.94 21.01 -28.22
C GLU A 36 -12.09 20.65 -27.24
N ASN A 37 -13.04 21.56 -27.07
CA ASN A 37 -14.24 21.23 -26.25
C ASN A 37 -14.89 19.96 -26.74
N PHE A 38 -15.16 19.86 -28.05
CA PHE A 38 -16.00 18.72 -28.53
C PHE A 38 -15.16 17.40 -28.36
N LYS A 39 -13.85 17.44 -28.64
CA LYS A 39 -12.96 16.25 -28.46
C LYS A 39 -12.93 15.80 -26.96
N GLN A 40 -12.87 16.79 -26.06
CA GLN A 40 -12.69 16.41 -24.65
C GLN A 40 -14.02 15.84 -24.13
N LEU A 41 -15.13 16.39 -24.66
CA LEU A 41 -16.43 15.88 -24.23
C LEU A 41 -16.64 14.46 -24.81
N ALA A 42 -16.13 14.21 -26.02
CA ALA A 42 -16.25 12.85 -26.60
C ALA A 42 -15.35 11.85 -25.84
N SER A 43 -14.18 12.32 -25.38
CA SER A 43 -13.36 11.43 -24.63
C SER A 43 -13.81 11.25 -23.19
N GLY A 44 -14.62 12.15 -22.69
CA GLY A 44 -15.05 12.16 -21.27
C GLY A 44 -13.90 12.49 -20.26
N GLU A 45 -12.49 13.11 -20.83
CA GLU A 45 -11.32 13.12 -19.85
C GLU A 45 -11.63 14.19 -18.74
N ASN A 46 -12.66 14.84 -18.66
CA ASN A 46 -12.87 15.72 -17.45
C ASN A 46 -13.90 15.15 -16.49
N GLY A 47 -14.42 13.93 -16.75
CA GLY A 47 -15.30 13.24 -15.78
C GLY A 47 -16.76 13.27 -16.18
N PHE A 48 -17.01 13.97 -17.29
CA PHE A 48 -18.36 14.22 -17.80
C PHE A 48 -18.16 14.34 -19.34
N GLY A 49 -19.25 14.12 -20.05
CA GLY A 49 -19.19 14.23 -21.54
C GLY A 49 -20.34 13.55 -22.23
N TYR A 50 -20.12 13.27 -23.51
CA TYR A 50 -21.22 12.76 -24.31
C TYR A 50 -21.62 11.31 -24.19
N LYS A 51 -20.78 10.43 -23.61
CA LYS A 51 -21.12 9.03 -23.60
C LYS A 51 -22.32 8.83 -22.73
N GLY A 52 -23.30 8.17 -23.29
CA GLY A 52 -24.52 7.97 -22.51
C GLY A 52 -25.57 9.00 -22.78
N SER A 53 -25.22 10.08 -23.43
CA SER A 53 -26.25 11.10 -23.73
C SER A 53 -27.09 10.73 -24.95
N ILE A 54 -28.17 11.53 -25.13
CA ILE A 54 -29.19 11.27 -26.15
C ILE A 54 -29.29 12.40 -27.17
N PHE A 55 -29.86 12.03 -28.32
CA PHE A 55 -30.34 13.08 -29.24
C PHE A 55 -31.75 13.42 -28.87
N HIS A 56 -31.89 14.48 -28.08
CA HIS A 56 -33.19 14.86 -27.57
C HIS A 56 -34.17 15.51 -28.51
N ARG A 57 -33.72 16.03 -29.67
CA ARG A 57 -34.61 16.75 -30.57
C ARG A 57 -34.20 16.33 -31.99
N VAL A 58 -35.16 15.76 -32.72
CA VAL A 58 -34.84 15.27 -34.05
C VAL A 58 -35.99 15.82 -34.98
N ILE A 59 -35.60 16.48 -36.07
CA ILE A 59 -36.58 16.98 -37.02
C ILE A 59 -36.23 16.44 -38.41
N ARG A 60 -37.16 15.65 -38.97
CA ARG A 60 -36.93 15.02 -40.28
C ARG A 60 -36.60 16.09 -41.31
N ASN A 61 -35.57 15.78 -42.11
CA ASN A 61 -35.06 16.76 -43.08
C ASN A 61 -34.58 18.09 -42.65
N PHE A 62 -34.06 18.18 -41.43
CA PHE A 62 -33.54 19.42 -40.95
C PHE A 62 -32.27 19.05 -40.08
N MET A 63 -32.46 18.47 -38.90
CA MET A 63 -31.29 18.29 -37.99
C MET A 63 -31.60 17.26 -36.87
N ILE A 64 -30.49 16.78 -36.29
CA ILE A 64 -30.55 16.01 -35.04
C ILE A 64 -29.77 16.83 -34.01
N GLN A 65 -30.29 16.97 -32.81
CA GLN A 65 -29.60 17.82 -31.76
C GLN A 65 -29.36 17.00 -30.50
N GLY A 66 -28.17 17.12 -30.00
CA GLY A 66 -27.86 16.38 -28.78
C GLY A 66 -26.82 17.12 -27.94
N GLY A 67 -26.16 16.38 -27.06
CA GLY A 67 -25.08 17.01 -26.25
C GLY A 67 -25.54 17.51 -24.89
N ASP A 68 -26.85 17.40 -24.58
CA ASP A 68 -27.30 17.81 -23.18
C ASP A 68 -27.13 16.75 -22.14
N PHE A 69 -25.91 16.58 -21.68
CA PHE A 69 -25.61 15.46 -20.77
C PHE A 69 -25.94 15.71 -19.31
N THR A 70 -26.48 16.88 -19.01
CA THR A 70 -26.91 17.23 -17.64
C THR A 70 -28.39 17.06 -17.47
N ASN A 71 -29.18 17.60 -18.43
CA ASN A 71 -30.64 17.60 -18.30
C ASN A 71 -31.35 16.76 -19.36
N PHE A 72 -30.66 16.36 -20.41
CA PHE A 72 -31.23 15.42 -21.41
C PHE A 72 -32.49 16.02 -22.08
N ASP A 73 -32.64 17.34 -22.15
CA ASP A 73 -33.89 17.94 -22.70
C ASP A 73 -33.74 19.20 -23.52
N GLY A 74 -32.46 19.61 -23.66
CA GLY A 74 -32.16 20.88 -24.28
C GLY A 74 -31.92 22.13 -23.41
N THR A 75 -32.12 21.97 -22.14
CA THR A 75 -31.94 23.08 -21.19
C THR A 75 -30.53 23.16 -20.58
N GLY A 76 -29.74 22.09 -20.78
CA GLY A 76 -28.50 21.88 -20.03
C GLY A 76 -27.22 21.82 -20.84
N GLY A 77 -26.32 21.02 -20.27
CA GLY A 77 -24.93 20.84 -20.78
C GLY A 77 -23.99 21.96 -20.35
N LYS A 78 -22.67 21.71 -20.50
CA LYS A 78 -21.64 22.67 -20.09
C LYS A 78 -20.36 22.34 -20.92
N SER A 79 -19.55 23.34 -21.10
CA SER A 79 -18.28 23.16 -21.83
C SER A 79 -17.19 22.79 -20.88
N ILE A 80 -16.09 22.36 -21.48
CA ILE A 80 -14.85 22.13 -20.66
C ILE A 80 -14.27 23.48 -20.13
N TYR A 81 -14.72 24.66 -20.59
CA TYR A 81 -14.26 26.02 -20.19
C TYR A 81 -15.21 26.70 -19.22
N GLY A 82 -16.23 25.97 -18.73
CA GLY A 82 -17.19 26.72 -17.95
C GLY A 82 -18.59 26.47 -18.56
N THR A 83 -19.61 27.02 -17.94
CA THR A 83 -20.99 26.76 -18.37
C THR A 83 -21.05 27.11 -19.89
N ARG A 84 -20.52 28.28 -20.25
CA ARG A 84 -20.59 28.76 -21.65
C ARG A 84 -19.26 29.33 -22.07
N PHE A 85 -19.08 29.33 -23.36
CA PHE A 85 -17.98 30.08 -23.95
C PHE A 85 -18.39 30.82 -25.23
N ASP A 86 -17.51 31.73 -25.61
CA ASP A 86 -17.86 32.69 -26.60
C ASP A 86 -17.90 32.09 -28.00
N ASP A 87 -18.59 32.76 -28.90
CA ASP A 87 -18.51 32.33 -30.31
C ASP A 87 -17.14 32.58 -30.92
N GLU A 88 -16.50 31.52 -31.35
CA GLU A 88 -15.13 31.61 -31.81
C GLU A 88 -14.97 32.15 -33.24
N ASN A 89 -15.81 31.71 -34.17
CA ASN A 89 -15.75 32.09 -35.58
C ASN A 89 -17.15 31.79 -36.05
N LEU A 90 -17.79 32.81 -36.63
CA LEU A 90 -19.10 32.69 -37.26
C LEU A 90 -19.05 32.75 -38.77
N LYS A 91 -17.84 32.72 -39.35
CA LYS A 91 -17.73 32.95 -40.79
C LYS A 91 -18.07 31.68 -41.59
N ILE A 92 -17.85 30.47 -41.05
CA ILE A 92 -18.12 29.26 -41.84
C ILE A 92 -19.63 29.02 -41.95
N LYS A 93 -20.14 28.91 -43.16
CA LYS A 93 -21.60 28.65 -43.37
C LYS A 93 -21.96 27.22 -43.14
N HIS A 94 -23.26 27.01 -42.85
CA HIS A 94 -23.78 25.64 -42.75
C HIS A 94 -23.92 25.04 -44.14
N PHE A 95 -24.08 23.73 -44.17
CA PHE A 95 -24.17 22.94 -45.42
C PHE A 95 -24.71 21.57 -44.96
N VAL A 96 -25.12 20.71 -45.90
CA VAL A 96 -25.72 19.47 -45.49
C VAL A 96 -24.61 18.59 -44.87
N GLY A 97 -24.88 18.11 -43.62
CA GLY A 97 -23.85 17.32 -42.92
C GLY A 97 -22.95 18.15 -41.97
N ALA A 98 -23.23 19.44 -41.88
CA ALA A 98 -22.47 20.34 -40.95
C ALA A 98 -22.76 19.95 -39.49
N VAL A 99 -21.76 20.11 -38.64
CA VAL A 99 -21.88 19.97 -37.18
C VAL A 99 -21.62 21.33 -36.57
N SER A 100 -22.60 21.80 -35.79
CA SER A 100 -22.64 23.18 -35.30
C SER A 100 -23.06 23.26 -33.89
N MET A 101 -22.44 24.45 -33.01
CA MET A 101 -22.88 24.61 -31.63
C MET A 101 -24.31 25.19 -31.44
N ALA A 102 -25.22 24.39 -30.80
CA ALA A 102 -26.47 24.97 -30.32
C ALA A 102 -26.16 26.12 -29.38
N ASN A 103 -27.11 27.05 -29.23
CA ASN A 103 -26.87 28.12 -28.28
C ASN A 103 -28.18 28.71 -27.81
N ALA A 104 -28.09 29.55 -26.78
CA ALA A 104 -29.20 30.46 -26.35
C ALA A 104 -29.00 31.97 -26.73
N GLY A 105 -28.45 32.25 -27.91
CA GLY A 105 -28.13 33.58 -28.34
C GLY A 105 -26.62 33.77 -28.35
N PRO A 106 -26.15 34.98 -28.56
CA PRO A 106 -24.72 35.24 -28.77
C PRO A 106 -23.88 34.76 -27.59
N ASN A 107 -22.69 34.28 -27.92
CA ASN A 107 -21.75 33.81 -26.85
C ASN A 107 -22.23 32.90 -25.78
N SER A 108 -22.90 31.85 -26.20
CA SER A 108 -23.54 30.95 -25.30
C SER A 108 -23.40 29.52 -25.77
N ASN A 109 -22.20 29.15 -26.19
CA ASN A 109 -21.89 27.75 -26.50
C ASN A 109 -21.61 26.93 -25.24
N GLY A 110 -22.15 25.71 -25.16
CA GLY A 110 -21.96 24.87 -24.03
C GLY A 110 -21.39 23.50 -24.49
N SER A 111 -22.27 22.51 -24.41
CA SER A 111 -21.95 21.21 -24.95
C SER A 111 -22.93 20.80 -26.04
N GLN A 112 -24.06 21.47 -26.17
CA GLN A 112 -25.10 21.02 -27.16
C GLN A 112 -24.71 21.30 -28.55
N PHE A 113 -25.00 20.39 -29.47
CA PHE A 113 -24.65 20.57 -30.86
C PHE A 113 -25.69 19.92 -31.76
N PHE A 114 -25.63 20.27 -33.04
CA PHE A 114 -26.59 19.67 -33.95
C PHE A 114 -25.86 19.29 -35.24
N VAL A 115 -26.43 18.30 -35.96
CA VAL A 115 -25.84 17.80 -37.23
C VAL A 115 -26.93 18.04 -38.29
N THR A 116 -26.67 18.79 -39.36
CA THR A 116 -27.75 19.04 -40.28
C THR A 116 -27.85 17.97 -41.35
N THR A 117 -29.05 17.84 -41.90
CA THR A 117 -29.16 16.91 -43.04
C THR A 117 -29.79 17.64 -44.24
N ALA A 118 -29.93 18.96 -44.15
CA ALA A 118 -30.55 19.77 -45.22
C ALA A 118 -29.96 21.17 -45.04
N PRO A 119 -30.00 22.04 -46.05
CA PRO A 119 -29.65 23.46 -45.86
C PRO A 119 -30.34 24.16 -44.69
N THR A 120 -29.58 25.01 -43.99
CA THR A 120 -30.11 25.76 -42.91
C THR A 120 -29.49 27.14 -42.98
N PRO A 121 -29.71 27.88 -44.08
CA PRO A 121 -28.97 29.11 -44.23
C PRO A 121 -29.35 30.16 -43.16
N TRP A 122 -30.52 30.09 -42.56
CA TRP A 122 -30.91 31.17 -41.59
C TRP A 122 -30.09 31.05 -40.32
N LEU A 123 -29.31 29.95 -40.18
CA LEU A 123 -28.44 29.75 -39.00
C LEU A 123 -27.06 30.35 -39.22
N ASP A 124 -26.80 30.71 -40.47
CA ASP A 124 -25.43 31.29 -40.76
C ASP A 124 -25.18 32.58 -40.04
N GLY A 125 -23.96 32.70 -39.49
CA GLY A 125 -23.71 33.80 -38.63
C GLY A 125 -24.14 33.80 -37.23
N ARG A 126 -24.96 32.80 -36.82
CA ARG A 126 -25.45 32.80 -35.52
C ARG A 126 -25.02 31.55 -34.75
N HIS A 127 -24.65 30.50 -35.48
CA HIS A 127 -24.14 29.27 -34.85
C HIS A 127 -22.80 28.90 -35.39
N VAL A 128 -21.89 28.52 -34.47
CA VAL A 128 -20.46 28.23 -34.86
C VAL A 128 -20.36 26.82 -35.46
N VAL A 129 -20.08 26.73 -36.77
CA VAL A 129 -19.93 25.46 -37.46
C VAL A 129 -18.49 25.03 -37.20
N PHE A 130 -18.38 23.77 -36.81
CA PHE A 130 -17.01 23.31 -36.31
C PHE A 130 -16.59 21.95 -36.85
N GLY A 131 -17.45 21.36 -37.63
CA GLY A 131 -17.08 20.11 -38.33
C GLY A 131 -18.10 19.65 -39.33
N LYS A 132 -17.86 18.45 -39.80
CA LYS A 132 -18.88 17.85 -40.68
C LYS A 132 -18.86 16.32 -40.58
N VAL A 133 -19.91 15.73 -41.03
CA VAL A 133 -19.93 14.31 -41.05
C VAL A 133 -19.01 13.71 -42.13
N VAL A 134 -18.04 12.86 -41.77
CA VAL A 134 -17.16 12.24 -42.79
C VAL A 134 -17.49 10.72 -43.02
N GLU A 135 -18.24 10.09 -42.10
CA GLU A 135 -18.79 8.70 -42.26
C GLU A 135 -20.07 8.56 -41.55
N GLY A 136 -20.97 7.73 -42.12
CA GLY A 136 -22.22 7.51 -41.49
C GLY A 136 -23.34 8.48 -41.61
N MET A 137 -23.34 9.26 -42.71
CA MET A 137 -24.57 9.97 -42.98
C MET A 137 -25.82 9.06 -43.00
N ASP A 138 -25.68 7.81 -43.45
CA ASP A 138 -26.85 6.92 -43.36
C ASP A 138 -27.39 6.64 -41.93
N VAL A 139 -26.48 6.66 -40.95
CA VAL A 139 -26.82 6.48 -39.55
C VAL A 139 -27.55 7.74 -39.05
N VAL A 140 -27.06 8.91 -39.48
CA VAL A 140 -27.75 10.20 -39.12
C VAL A 140 -29.15 10.20 -39.69
N LYS A 141 -29.29 9.63 -40.90
CA LYS A 141 -30.61 9.51 -41.52
C LYS A 141 -31.57 8.62 -40.77
N LYS A 142 -31.08 7.48 -40.23
CA LYS A 142 -31.92 6.63 -39.43
C LYS A 142 -32.45 7.36 -38.23
N VAL A 143 -31.57 8.11 -37.58
CA VAL A 143 -31.94 8.86 -36.41
C VAL A 143 -32.99 9.94 -36.83
N GLU A 144 -32.71 10.62 -37.93
CA GLU A 144 -33.59 11.71 -38.50
C GLU A 144 -34.99 11.17 -38.74
N ASN A 145 -35.08 9.94 -39.18
CA ASN A 145 -36.44 9.38 -39.42
C ASN A 145 -37.11 8.67 -38.26
N THR A 146 -36.51 8.68 -37.06
CA THR A 146 -37.12 7.95 -35.92
C THR A 146 -38.42 8.62 -35.44
N LYS A 147 -39.43 7.85 -34.98
CA LYS A 147 -40.73 8.44 -34.61
C LYS A 147 -40.52 9.37 -33.38
N THR A 148 -41.08 10.59 -33.49
CA THR A 148 -41.03 11.60 -32.37
C THR A 148 -42.40 12.01 -31.77
N GLY A 149 -42.33 12.60 -30.57
CA GLY A 149 -43.43 13.03 -29.75
C GLY A 149 -43.35 14.54 -29.56
N LEU A 150 -43.83 14.99 -28.39
CA LEU A 150 -43.83 16.41 -28.07
C LEU A 150 -42.48 17.11 -28.27
N ASN A 151 -42.49 18.22 -28.99
CA ASN A 151 -41.26 19.00 -29.18
C ASN A 151 -40.16 18.14 -29.84
N ASP A 152 -40.58 17.16 -30.65
CA ASP A 152 -39.70 16.40 -31.52
C ASP A 152 -38.76 15.51 -30.73
N LYS A 153 -39.18 15.13 -29.53
CA LYS A 153 -38.39 14.16 -28.72
C LYS A 153 -38.59 12.78 -29.30
N PRO A 154 -37.56 12.02 -29.60
CA PRO A 154 -37.68 10.60 -30.05
C PRO A 154 -38.42 9.69 -29.05
N LYS A 155 -39.48 8.97 -29.50
CA LYS A 155 -40.23 8.04 -28.66
C LYS A 155 -39.32 6.95 -27.99
N LYS A 156 -38.39 6.43 -28.76
CA LYS A 156 -37.32 5.55 -28.27
C LYS A 156 -36.05 6.40 -28.10
N ALA A 157 -35.32 6.14 -27.04
CA ALA A 157 -34.06 6.84 -26.85
C ALA A 157 -33.01 6.61 -27.91
N VAL A 158 -32.50 7.72 -28.45
CA VAL A 158 -31.43 7.65 -29.40
C VAL A 158 -30.13 8.03 -28.65
N LYS A 159 -29.30 7.02 -28.37
CA LYS A 159 -28.29 7.20 -27.34
C LYS A 159 -26.90 7.12 -28.02
N ILE A 160 -25.96 7.98 -27.59
CA ILE A 160 -24.56 7.85 -27.90
C ILE A 160 -23.98 6.74 -26.99
N ASN A 161 -24.11 5.51 -27.43
CA ASN A 161 -23.73 4.38 -26.55
C ASN A 161 -22.21 4.38 -26.20
N ASP A 162 -21.42 4.84 -27.13
CA ASP A 162 -19.98 4.93 -26.93
C ASP A 162 -19.51 6.07 -27.84
N CYS A 163 -18.43 6.71 -27.43
CA CYS A 163 -17.88 7.73 -28.26
C CYS A 163 -16.43 7.98 -27.88
N GLY A 164 -15.72 8.66 -28.72
CA GLY A 164 -14.26 8.85 -28.48
C GLY A 164 -13.55 9.61 -29.61
N VAL A 165 -12.22 9.86 -29.41
CA VAL A 165 -11.44 10.60 -30.42
C VAL A 165 -10.61 9.59 -31.24
N LEU A 166 -10.74 9.58 -32.58
CA LEU A 166 -9.95 8.70 -33.43
C LEU A 166 -8.47 9.12 -33.53
N MET B 1 16.80 -11.85 -9.92
CA MET B 1 16.58 -11.62 -8.44
C MET B 1 15.35 -12.49 -8.03
N PRO B 2 15.40 -13.12 -6.86
CA PRO B 2 14.15 -13.71 -6.32
C PRO B 2 13.09 -12.58 -6.28
N VAL B 3 11.88 -12.97 -6.61
CA VAL B 3 10.72 -12.02 -6.66
C VAL B 3 9.95 -11.99 -5.28
N VAL B 4 9.70 -10.72 -4.85
CA VAL B 4 8.98 -10.49 -3.64
C VAL B 4 7.52 -10.70 -3.94
N THR B 5 6.89 -11.65 -3.23
CA THR B 5 5.45 -12.05 -3.46
C THR B 5 4.55 -11.66 -2.31
N ASP B 6 5.12 -11.40 -1.17
CA ASP B 6 4.34 -11.05 0.03
C ASP B 6 5.27 -10.29 0.93
N LYS B 7 4.68 -9.52 1.84
CA LYS B 7 5.44 -8.68 2.77
C LYS B 7 4.93 -8.84 4.21
N VAL B 8 5.89 -8.95 5.15
CA VAL B 8 5.61 -8.98 6.59
C VAL B 8 6.14 -7.77 7.24
N TYR B 9 5.41 -7.20 8.20
CA TYR B 9 5.99 -6.10 9.00
C TYR B 9 6.22 -6.51 10.43
N PHE B 10 7.30 -5.96 11.00
CA PHE B 10 7.53 -5.98 12.42
C PHE B 10 7.68 -4.54 12.93
N ASP B 11 6.92 -4.18 13.98
CA ASP B 11 7.14 -2.91 14.64
C ASP B 11 8.01 -3.19 15.87
N ILE B 12 9.23 -2.62 15.85
CA ILE B 12 10.28 -2.98 16.84
C ILE B 12 10.39 -1.92 17.93
N THR B 13 10.51 -2.34 19.19
CA THR B 13 10.89 -1.49 20.33
C THR B 13 12.22 -1.96 20.91
N ILE B 14 12.98 -1.02 21.53
CA ILE B 14 14.13 -1.41 22.35
C ILE B 14 13.89 -0.86 23.73
N GLY B 15 13.91 -1.75 24.73
CA GLY B 15 13.56 -1.27 26.09
C GLY B 15 12.27 -0.51 26.16
N ASP B 16 11.27 -1.04 25.44
CA ASP B 16 9.94 -0.49 25.31
C ASP B 16 9.82 0.86 24.67
N GLU B 17 10.87 1.33 24.00
CA GLU B 17 10.78 2.62 23.35
C GLU B 17 10.73 2.38 21.83
N PRO B 18 9.91 3.10 21.07
CA PRO B 18 9.71 2.76 19.62
C PRO B 18 10.99 3.04 18.82
N VAL B 19 11.32 2.11 17.87
CA VAL B 19 12.44 2.35 16.94
C VAL B 19 11.84 2.57 15.56
N GLY B 20 10.96 1.65 15.18
CA GLY B 20 10.24 1.77 13.92
C GLY B 20 9.83 0.46 13.28
N ARG B 21 9.48 0.46 11.99
CA ARG B 21 8.92 -0.73 11.28
C ARG B 21 9.93 -1.29 10.27
N VAL B 22 10.16 -2.58 10.43
CA VAL B 22 10.86 -3.37 9.42
C VAL B 22 9.85 -4.04 8.54
N VAL B 23 9.99 -3.90 7.21
CA VAL B 23 9.16 -4.66 6.24
C VAL B 23 10.07 -5.65 5.48
N ILE B 24 9.70 -6.91 5.55
CA ILE B 24 10.46 -8.07 4.91
C ILE B 24 9.65 -8.44 3.71
N GLY B 25 10.32 -8.39 2.56
CA GLY B 25 9.82 -8.92 1.30
C GLY B 25 10.15 -10.40 1.20
N LEU B 26 9.17 -11.22 0.88
CA LEU B 26 9.24 -12.67 1.00
C LEU B 26 9.27 -13.38 -0.39
N PHE B 27 10.15 -14.36 -0.56
CA PHE B 27 10.31 -15.01 -1.89
C PHE B 27 9.39 -16.25 -2.00
N GLY B 28 8.08 -15.98 -2.17
CA GLY B 28 7.16 -17.09 -2.08
C GLY B 28 7.05 -17.99 -3.33
N ASN B 29 7.55 -17.51 -4.44
CA ASN B 29 7.64 -18.41 -5.59
C ASN B 29 8.90 -19.28 -5.56
N ASP B 30 9.83 -19.00 -4.68
CA ASP B 30 11.03 -19.82 -4.62
C ASP B 30 10.94 -20.80 -3.49
N VAL B 31 10.46 -20.29 -2.33
CA VAL B 31 10.47 -21.14 -1.10
C VAL B 31 9.07 -21.06 -0.41
N PRO B 32 8.07 -21.56 -1.13
CA PRO B 32 6.70 -21.32 -0.64
C PRO B 32 6.43 -21.97 0.74
N LYS B 33 7.00 -23.11 1.08
CA LYS B 33 6.72 -23.69 2.39
C LYS B 33 7.35 -22.86 3.51
N THR B 34 8.52 -22.26 3.25
CA THR B 34 9.23 -21.47 4.27
C THR B 34 8.60 -20.16 4.41
N VAL B 35 8.10 -19.58 3.29
CA VAL B 35 7.35 -18.34 3.35
C VAL B 35 5.97 -18.54 4.07
N GLU B 36 5.31 -19.63 3.78
CA GLU B 36 4.01 -19.92 4.44
C GLU B 36 4.15 -19.99 5.96
N ASN B 37 5.18 -20.70 6.40
CA ASN B 37 5.46 -20.73 7.86
C ASN B 37 5.67 -19.34 8.44
N PHE B 38 6.57 -18.53 7.84
CA PHE B 38 6.89 -17.20 8.38
C PHE B 38 5.65 -16.33 8.36
N LYS B 39 4.87 -16.37 7.26
CA LYS B 39 3.64 -15.57 7.26
C LYS B 39 2.62 -15.90 8.41
N GLN B 40 2.41 -17.22 8.66
CA GLN B 40 1.42 -17.65 9.67
C GLN B 40 1.94 -17.33 11.01
N LEU B 41 3.28 -17.36 11.22
CA LEU B 41 3.78 -16.94 12.56
C LEU B 41 3.67 -15.46 12.78
N ALA B 42 3.87 -14.69 11.69
CA ALA B 42 3.71 -13.27 11.74
C ALA B 42 2.22 -12.86 12.06
N SER B 43 1.28 -13.59 11.52
CA SER B 43 -0.16 -13.24 11.78
C SER B 43 -0.69 -13.84 13.07
N GLY B 44 -0.05 -14.92 13.56
CA GLY B 44 -0.44 -15.61 14.77
C GLY B 44 -1.68 -16.43 14.53
N GLU B 45 -1.98 -16.75 13.26
CA GLU B 45 -3.20 -17.56 12.95
C GLU B 45 -3.40 -18.82 13.74
N ASN B 46 -2.33 -19.56 14.08
CA ASN B 46 -2.50 -20.83 14.72
C ASN B 46 -2.56 -20.65 16.25
N GLY B 47 -2.67 -19.42 16.76
CA GLY B 47 -2.59 -19.30 18.21
C GLY B 47 -1.23 -19.10 18.82
N PHE B 48 -0.22 -18.99 17.97
CA PHE B 48 1.11 -18.67 18.43
C PHE B 48 1.87 -17.97 17.32
N GLY B 49 3.02 -17.40 17.63
CA GLY B 49 3.83 -16.72 16.61
C GLY B 49 4.70 -15.60 17.18
N TYR B 50 5.10 -14.67 16.32
CA TYR B 50 6.21 -13.76 16.62
C TYR B 50 5.83 -12.59 17.51
N LYS B 51 4.53 -12.23 17.60
CA LYS B 51 4.16 -11.02 18.38
C LYS B 51 4.61 -11.23 19.80
N GLY B 52 5.33 -10.24 20.34
CA GLY B 52 5.82 -10.26 21.68
C GLY B 52 7.14 -10.94 21.85
N SER B 53 7.74 -11.49 20.78
CA SER B 53 9.02 -12.19 20.93
C SER B 53 10.17 -11.24 20.71
N ILE B 54 11.40 -11.69 20.99
CA ILE B 54 12.53 -10.75 20.98
C ILE B 54 13.64 -11.21 20.01
N PHE B 55 14.58 -10.30 19.74
CA PHE B 55 15.80 -10.69 19.04
C PHE B 55 16.80 -10.98 20.15
N HIS B 56 17.06 -12.28 20.39
CA HIS B 56 17.72 -12.64 21.60
C HIS B 56 19.19 -12.60 21.39
N ARG B 57 19.62 -12.53 20.11
CA ARG B 57 21.08 -12.56 19.89
C ARG B 57 21.38 -11.39 18.88
N VAL B 58 22.40 -10.51 19.12
CA VAL B 58 22.67 -9.41 18.20
C VAL B 58 24.22 -9.41 18.17
N ILE B 59 24.76 -9.54 16.96
CA ILE B 59 26.29 -9.48 16.72
C ILE B 59 26.50 -8.33 15.73
N ARG B 60 27.06 -7.21 16.25
CA ARG B 60 27.22 -6.00 15.39
C ARG B 60 28.15 -6.41 14.16
N ASN B 61 27.75 -5.90 12.98
CA ASN B 61 28.42 -6.20 11.69
C ASN B 61 28.45 -7.64 11.30
N PHE B 62 27.43 -8.38 11.78
CA PHE B 62 27.18 -9.72 11.30
C PHE B 62 25.66 -9.89 11.09
N MET B 63 24.88 -10.00 12.18
CA MET B 63 23.43 -10.34 12.01
C MET B 63 22.69 -10.06 13.29
N ILE B 64 21.36 -10.12 13.17
CA ILE B 64 20.53 -10.13 14.36
C ILE B 64 19.57 -11.33 14.27
N GLN B 65 19.32 -11.99 15.40
CA GLN B 65 18.50 -13.22 15.36
C GLN B 65 17.33 -13.25 16.30
N GLY B 66 16.19 -13.80 15.84
CA GLY B 66 14.95 -13.69 16.59
C GLY B 66 14.14 -15.04 16.38
N GLY B 67 12.87 -14.94 16.73
CA GLY B 67 11.87 -15.94 16.41
C GLY B 67 11.66 -17.03 17.43
N ASP B 68 12.33 -16.97 18.59
CA ASP B 68 12.05 -17.91 19.67
C ASP B 68 10.83 -17.54 20.53
N PHE B 69 9.60 -17.87 20.09
CA PHE B 69 8.41 -17.34 20.80
C PHE B 69 7.93 -18.37 21.91
N THR B 70 8.65 -19.49 22.03
CA THR B 70 8.28 -20.45 23.06
C THR B 70 9.10 -20.31 24.33
N ASN B 71 10.40 -20.09 24.17
CA ASN B 71 11.33 -20.02 25.33
C ASN B 71 12.01 -18.71 25.47
N PHE B 72 12.02 -17.89 24.40
CA PHE B 72 12.57 -16.53 24.43
C PHE B 72 14.08 -16.46 24.70
N ASP B 73 14.82 -17.49 24.28
CA ASP B 73 16.22 -17.64 24.79
C ASP B 73 17.09 -18.38 23.81
N GLY B 74 16.54 -18.73 22.67
CA GLY B 74 17.33 -19.38 21.64
C GLY B 74 17.28 -20.89 21.60
N THR B 75 16.53 -21.46 22.54
CA THR B 75 16.39 -22.90 22.62
C THR B 75 15.09 -23.35 22.02
N GLY B 76 14.20 -22.40 21.72
CA GLY B 76 12.84 -22.84 21.37
C GLY B 76 12.40 -22.50 19.96
N GLY B 77 11.06 -22.28 19.88
CA GLY B 77 10.41 -22.04 18.58
C GLY B 77 9.93 -23.35 17.92
N LYS B 78 8.97 -23.18 16.99
CA LYS B 78 8.42 -24.33 16.27
C LYS B 78 7.79 -23.83 15.00
N SER B 79 7.72 -24.69 13.97
CA SER B 79 7.09 -24.26 12.74
C SER B 79 5.61 -24.61 12.82
N ILE B 80 4.88 -24.15 11.80
CA ILE B 80 3.43 -24.52 11.72
C ILE B 80 3.24 -26.00 11.29
N TYR B 81 4.31 -26.71 10.96
CA TYR B 81 4.28 -28.08 10.39
C TYR B 81 4.65 -29.10 11.44
N GLY B 82 5.17 -28.65 12.58
CA GLY B 82 5.86 -29.54 13.51
C GLY B 82 7.03 -28.82 14.13
N THR B 83 7.73 -29.52 15.01
CA THR B 83 8.98 -29.01 15.55
C THR B 83 9.83 -28.52 14.43
N ARG B 84 10.09 -29.40 13.42
CA ARG B 84 11.11 -29.03 12.40
C ARG B 84 10.65 -29.32 11.02
N PHE B 85 11.17 -28.62 10.03
CA PHE B 85 10.91 -28.99 8.67
C PHE B 85 12.14 -28.83 7.79
N ASP B 86 12.15 -29.52 6.64
CA ASP B 86 13.29 -29.58 5.78
C ASP B 86 13.74 -28.30 5.09
N ASP B 87 15.04 -28.29 4.73
CA ASP B 87 15.57 -27.17 3.93
C ASP B 87 15.02 -27.17 2.55
N GLU B 88 14.26 -26.14 2.26
CA GLU B 88 13.52 -26.09 1.00
C GLU B 88 14.41 -25.66 -0.15
N ASN B 89 15.44 -24.84 0.05
CA ASN B 89 16.35 -24.36 -0.96
C ASN B 89 17.56 -23.76 -0.27
N LEU B 90 18.71 -24.37 -0.48
CA LEU B 90 19.99 -23.83 0.05
C LEU B 90 20.87 -23.20 -0.99
N LYS B 91 20.32 -22.87 -2.14
CA LYS B 91 21.06 -22.23 -3.23
C LYS B 91 20.96 -20.71 -3.34
N ILE B 92 19.89 -20.08 -2.85
CA ILE B 92 19.71 -18.66 -2.84
C ILE B 92 20.79 -18.07 -1.88
N LYS B 93 21.60 -17.19 -2.38
CA LYS B 93 22.75 -16.78 -1.60
C LYS B 93 22.37 -15.61 -0.61
N HIS B 94 23.16 -15.48 0.46
CA HIS B 94 23.03 -14.33 1.38
C HIS B 94 23.65 -13.05 0.77
N PHE B 95 23.11 -11.90 1.15
CA PHE B 95 23.62 -10.66 0.84
C PHE B 95 23.11 -9.70 1.98
N VAL B 96 23.74 -8.50 2.12
CA VAL B 96 23.31 -7.60 3.24
C VAL B 96 21.75 -7.42 3.20
N GLY B 97 21.09 -7.65 4.37
CA GLY B 97 19.61 -7.50 4.35
C GLY B 97 18.86 -8.75 4.11
N ALA B 98 19.54 -9.89 3.88
CA ALA B 98 18.80 -11.17 3.70
C ALA B 98 18.19 -11.62 4.98
N VAL B 99 17.02 -12.25 4.81
CA VAL B 99 16.31 -12.88 5.97
C VAL B 99 16.36 -14.34 5.73
N SER B 100 16.91 -15.14 6.71
CA SER B 100 17.31 -16.48 6.48
C SER B 100 16.97 -17.32 7.73
N MET B 101 16.61 -18.58 7.57
CA MET B 101 16.34 -19.45 8.71
C MET B 101 17.55 -19.89 9.52
N ALA B 102 17.47 -19.72 10.81
CA ALA B 102 18.36 -20.40 11.72
C ALA B 102 18.11 -21.86 11.77
N ASN B 103 19.12 -22.65 12.15
CA ASN B 103 18.79 -24.07 12.35
C ASN B 103 19.79 -24.71 13.31
N ALA B 104 19.66 -26.03 13.40
CA ALA B 104 20.62 -26.83 14.15
C ALA B 104 21.22 -27.89 13.31
N GLY B 105 21.65 -27.51 12.11
CA GLY B 105 22.13 -28.46 11.12
C GLY B 105 21.11 -28.69 10.01
N PRO B 106 21.40 -29.61 9.11
CA PRO B 106 20.45 -29.88 7.99
C PRO B 106 19.00 -30.22 8.43
N ASN B 107 18.00 -29.79 7.64
CA ASN B 107 16.58 -30.12 7.87
C ASN B 107 16.03 -29.95 9.27
N SER B 108 16.41 -28.81 9.87
CA SER B 108 16.00 -28.49 11.23
C SER B 108 15.41 -27.09 11.42
N ASN B 109 14.65 -26.63 10.40
CA ASN B 109 14.01 -25.30 10.47
C ASN B 109 12.84 -25.36 11.42
N GLY B 110 12.67 -24.31 12.27
CA GLY B 110 11.50 -24.23 13.17
C GLY B 110 10.92 -22.84 12.97
N SER B 111 11.21 -21.89 13.88
CA SER B 111 10.76 -20.53 13.69
C SER B 111 11.87 -19.48 13.84
N GLN B 112 13.05 -19.86 14.31
CA GLN B 112 14.03 -18.82 14.48
C GLN B 112 14.63 -18.41 13.13
N PHE B 113 15.02 -17.15 13.04
CA PHE B 113 15.43 -16.56 11.75
C PHE B 113 16.51 -15.52 12.10
N PHE B 114 17.24 -15.04 11.06
CA PHE B 114 18.15 -13.96 11.33
C PHE B 114 18.13 -12.97 10.12
N VAL B 115 18.64 -11.75 10.32
CA VAL B 115 18.73 -10.80 9.25
C VAL B 115 20.21 -10.43 9.21
N THR B 116 20.82 -10.54 8.04
CA THR B 116 22.25 -10.16 7.94
C THR B 116 22.47 -8.64 7.73
N THR B 117 23.58 -8.12 8.30
CA THR B 117 23.90 -6.74 8.16
C THR B 117 25.24 -6.51 7.49
N ALA B 118 25.83 -7.61 7.00
CA ALA B 118 27.18 -7.55 6.37
C ALA B 118 27.20 -8.67 5.37
N PRO B 119 28.20 -8.72 4.49
CA PRO B 119 28.37 -9.91 3.59
C PRO B 119 28.61 -11.15 4.48
N THR B 120 27.97 -12.31 4.13
CA THR B 120 28.09 -13.54 4.89
C THR B 120 28.04 -14.71 3.91
N PRO B 121 28.89 -14.70 2.90
CA PRO B 121 28.89 -15.79 1.89
C PRO B 121 29.11 -17.18 2.48
N TRP B 122 29.84 -17.24 3.58
CA TRP B 122 30.09 -18.55 4.20
C TRP B 122 28.84 -19.20 4.72
N LEU B 123 27.70 -18.44 4.80
CA LEU B 123 26.43 -19.09 5.25
C LEU B 123 25.71 -19.77 4.05
N ASP B 124 26.16 -19.44 2.86
CA ASP B 124 25.53 -20.01 1.69
C ASP B 124 25.61 -21.53 1.70
N GLY B 125 24.47 -22.19 1.47
CA GLY B 125 24.39 -23.63 1.42
C GLY B 125 24.08 -24.23 2.79
N ARG B 126 24.03 -23.39 3.82
CA ARG B 126 23.77 -23.89 5.17
C ARG B 126 22.47 -23.37 5.85
N HIS B 127 21.85 -22.31 5.24
CA HIS B 127 20.63 -21.77 5.83
C HIS B 127 19.78 -21.38 4.66
N VAL B 128 18.47 -21.54 4.84
CA VAL B 128 17.53 -21.17 3.80
C VAL B 128 17.21 -19.66 3.76
N VAL B 129 17.57 -18.95 2.67
CA VAL B 129 17.28 -17.54 2.49
C VAL B 129 15.86 -17.44 1.93
N PHE B 130 15.01 -16.71 2.62
CA PHE B 130 13.58 -16.67 2.18
C PHE B 130 12.99 -15.27 2.02
N GLY B 131 13.79 -14.26 2.25
CA GLY B 131 13.30 -12.89 2.01
C GLY B 131 14.43 -11.88 2.13
N LYS B 132 14.06 -10.60 2.05
CA LYS B 132 15.02 -9.49 2.22
C LYS B 132 14.31 -8.36 2.92
N VAL B 133 15.12 -7.50 3.55
CA VAL B 133 14.52 -6.27 4.08
C VAL B 133 14.23 -5.33 2.95
N VAL B 134 12.97 -4.91 2.84
CA VAL B 134 12.55 -3.93 1.82
C VAL B 134 12.25 -2.49 2.28
N GLU B 135 11.96 -2.35 3.53
CA GLU B 135 11.79 -1.07 4.20
C GLU B 135 12.32 -1.16 5.58
N GLY B 136 12.93 -0.03 6.05
CA GLY B 136 13.39 0.03 7.44
C GLY B 136 14.62 -0.75 7.80
N MET B 137 15.53 -0.81 6.81
CA MET B 137 16.90 -1.25 7.17
C MET B 137 17.54 -0.38 8.21
N ASP B 138 17.07 0.88 8.34
CA ASP B 138 17.56 1.75 9.41
C ASP B 138 17.23 1.15 10.77
N VAL B 139 16.07 0.52 10.88
CA VAL B 139 15.67 0.00 12.19
C VAL B 139 16.53 -1.14 12.48
N VAL B 140 16.81 -2.00 11.47
CA VAL B 140 17.69 -3.11 11.69
C VAL B 140 19.10 -2.64 12.17
N LYS B 141 19.62 -1.58 11.56
CA LYS B 141 20.92 -1.02 11.97
C LYS B 141 20.88 -0.44 13.40
N LYS B 142 19.74 0.12 13.74
CA LYS B 142 19.54 0.64 15.12
C LYS B 142 19.61 -0.51 16.12
N VAL B 143 18.87 -1.57 15.81
CA VAL B 143 18.99 -2.76 16.64
C VAL B 143 20.39 -3.30 16.69
N GLU B 144 21.02 -3.41 15.52
CA GLU B 144 22.39 -3.97 15.41
C GLU B 144 23.40 -3.28 16.30
N ASN B 145 23.14 -2.00 16.61
CA ASN B 145 24.08 -1.22 17.40
C ASN B 145 23.73 -1.21 18.86
N THR B 146 22.70 -1.92 19.25
CA THR B 146 22.29 -1.93 20.65
C THR B 146 23.31 -2.68 21.52
N LYS B 147 23.50 -2.15 22.73
CA LYS B 147 24.56 -2.77 23.53
C LYS B 147 24.15 -4.19 23.99
N THR B 148 25.13 -5.08 24.02
CA THR B 148 24.92 -6.48 24.48
C THR B 148 25.78 -6.76 25.61
N GLY B 149 25.36 -7.75 26.38
CA GLY B 149 26.05 -8.14 27.61
C GLY B 149 26.66 -9.48 27.34
N LEU B 150 26.29 -10.48 28.14
CA LEU B 150 26.85 -11.80 27.96
C LEU B 150 26.08 -12.53 26.85
N ASN B 151 26.78 -13.39 26.10
CA ASN B 151 26.12 -14.32 25.15
C ASN B 151 25.39 -13.53 24.08
N ASP B 152 25.98 -12.35 23.74
CA ASP B 152 25.44 -11.44 22.65
C ASP B 152 23.95 -11.12 22.88
N LYS B 153 23.55 -11.15 24.16
CA LYS B 153 22.19 -10.71 24.54
C LYS B 153 22.07 -9.22 24.69
N PRO B 154 21.17 -8.56 23.96
CA PRO B 154 20.91 -7.13 24.20
C PRO B 154 20.51 -6.85 25.69
N LYS B 155 21.10 -5.78 26.15
CA LYS B 155 20.82 -5.33 27.55
C LYS B 155 19.42 -4.72 27.69
N LYS B 156 18.87 -4.17 26.60
CA LYS B 156 17.46 -3.76 26.66
C LYS B 156 16.74 -4.68 25.66
N ALA B 157 15.57 -5.15 26.03
CA ALA B 157 14.95 -6.10 25.11
C ALA B 157 14.60 -5.43 23.81
N VAL B 158 14.81 -6.20 22.74
CA VAL B 158 14.47 -5.72 21.41
C VAL B 158 13.28 -6.61 21.05
N LYS B 159 12.15 -5.98 20.98
CA LYS B 159 10.88 -6.75 20.88
C LYS B 159 10.15 -6.48 19.61
N ILE B 160 9.55 -7.53 19.06
CA ILE B 160 8.53 -7.37 18.04
C ILE B 160 7.20 -7.06 18.75
N ASN B 161 6.94 -5.76 18.93
CA ASN B 161 5.72 -5.24 19.60
C ASN B 161 4.45 -5.68 18.88
N ASP B 162 4.48 -5.61 17.55
CA ASP B 162 3.38 -6.26 16.80
C ASP B 162 3.93 -6.60 15.42
N CYS B 163 3.16 -7.39 14.73
CA CYS B 163 3.57 -7.92 13.42
C CYS B 163 2.39 -8.44 12.66
N GLY B 164 2.62 -8.71 11.38
CA GLY B 164 1.50 -9.14 10.56
C GLY B 164 1.95 -9.22 9.11
N VAL B 165 1.00 -9.59 8.28
CA VAL B 165 1.23 -9.61 6.86
C VAL B 165 0.60 -8.37 6.25
N LEU B 166 1.33 -7.72 5.36
CA LEU B 166 0.75 -6.52 4.72
C LEU B 166 -0.32 -6.90 3.65
N MET C 1 13.79 24.00 25.94
CA MET C 1 14.96 23.22 25.36
C MET C 1 16.24 23.71 26.15
N PRO C 2 17.27 22.85 26.30
CA PRO C 2 18.48 23.28 27.05
C PRO C 2 19.18 24.44 26.37
N VAL C 3 19.71 25.34 27.16
CA VAL C 3 20.40 26.52 26.62
C VAL C 3 21.83 26.32 26.17
N VAL C 4 22.08 26.73 24.91
CA VAL C 4 23.49 26.70 24.43
C VAL C 4 24.25 27.82 25.06
N THR C 5 25.46 27.50 25.60
CA THR C 5 26.24 28.47 26.34
C THR C 5 27.61 28.68 25.67
N ASP C 6 28.00 27.75 24.76
CA ASP C 6 29.37 27.72 24.18
C ASP C 6 29.14 26.97 22.88
N LYS C 7 30.05 27.21 21.91
CA LYS C 7 29.94 26.51 20.60
C LYS C 7 31.31 26.08 20.14
N VAL C 8 31.35 24.93 19.46
CA VAL C 8 32.56 24.32 18.90
C VAL C 8 32.34 24.13 17.44
N TYR C 9 33.36 24.47 16.66
CA TYR C 9 33.33 24.16 15.22
C TYR C 9 34.16 22.98 14.82
N PHE C 10 33.64 22.25 13.85
CA PHE C 10 34.42 21.20 13.15
C PHE C 10 34.46 21.50 11.65
N ASP C 11 35.66 21.61 11.04
CA ASP C 11 35.75 21.81 9.58
C ASP C 11 36.09 20.40 9.09
N ILE C 12 35.20 19.83 8.29
CA ILE C 12 35.25 18.43 7.90
C ILE C 12 35.74 18.19 6.47
N THR C 13 36.64 17.23 6.28
CA THR C 13 37.06 16.82 4.94
C THR C 13 36.62 15.36 4.72
N ILE C 14 36.29 15.03 3.49
CA ILE C 14 36.16 13.62 3.16
C ILE C 14 37.20 13.25 2.06
N GLY C 15 38.12 12.39 2.37
CA GLY C 15 39.17 12.06 1.38
C GLY C 15 39.96 13.31 1.11
N ASP C 16 40.17 14.06 2.17
CA ASP C 16 40.83 15.35 1.97
C ASP C 16 40.12 16.47 1.15
N GLU C 17 38.97 16.22 0.50
CA GLU C 17 38.13 17.29 -0.05
C GLU C 17 37.26 18.03 1.07
N PRO C 18 37.34 19.34 1.23
CA PRO C 18 36.40 20.02 2.18
C PRO C 18 34.94 19.83 1.86
N VAL C 19 34.12 19.53 2.85
CA VAL C 19 32.66 19.37 2.67
C VAL C 19 31.87 20.34 3.56
N GLY C 20 32.54 21.14 4.35
CA GLY C 20 31.80 22.12 5.18
C GLY C 20 32.10 22.05 6.66
N ARG C 21 31.39 22.95 7.40
CA ARG C 21 31.56 23.14 8.86
C ARG C 21 30.31 22.65 9.61
N VAL C 22 30.52 21.91 10.69
CA VAL C 22 29.42 21.58 11.62
C VAL C 22 29.74 22.46 12.87
N VAL C 23 28.72 23.18 13.31
CA VAL C 23 28.83 23.96 14.57
C VAL C 23 28.00 23.26 15.60
N ILE C 24 28.62 22.96 16.73
CA ILE C 24 27.85 22.29 17.82
C ILE C 24 27.61 23.22 19.05
N GLY C 25 26.36 23.47 19.42
CA GLY C 25 26.07 24.33 20.62
C GLY C 25 26.05 23.36 21.80
N LEU C 26 26.60 23.83 22.92
CA LEU C 26 26.88 22.97 24.11
C LEU C 26 26.07 23.47 25.30
N PHE C 27 25.52 22.53 26.09
CA PHE C 27 24.58 22.93 27.17
C PHE C 27 25.32 23.06 28.48
N GLY C 28 26.15 24.09 28.56
CA GLY C 28 27.07 24.24 29.71
C GLY C 28 26.44 24.51 31.06
N ASN C 29 25.15 24.93 31.10
CA ASN C 29 24.55 25.24 32.40
C ASN C 29 24.05 23.92 32.97
N ASP C 30 23.81 22.94 32.09
CA ASP C 30 23.25 21.63 32.52
C ASP C 30 24.32 20.56 32.78
N VAL C 31 25.30 20.50 31.86
CA VAL C 31 26.43 19.56 31.99
C VAL C 31 27.78 20.27 31.80
N PRO C 32 28.19 21.10 32.76
CA PRO C 32 29.43 21.85 32.63
C PRO C 32 30.63 20.93 32.56
N LYS C 33 30.72 19.81 33.31
CA LYS C 33 31.97 19.11 33.26
C LYS C 33 32.11 18.41 31.88
N THR C 34 30.98 17.96 31.31
CA THR C 34 31.02 17.24 30.02
C THR C 34 31.31 18.29 28.93
N VAL C 35 30.69 19.46 29.08
CA VAL C 35 30.97 20.57 28.11
C VAL C 35 32.43 21.02 28.19
N GLU C 36 32.97 21.22 29.38
CA GLU C 36 34.41 21.56 29.47
C GLU C 36 35.33 20.57 28.74
N ASN C 37 35.10 19.24 28.93
CA ASN C 37 35.79 18.16 28.28
C ASN C 37 35.75 18.37 26.77
N PHE C 38 34.56 18.60 26.22
CA PHE C 38 34.43 18.70 24.77
C PHE C 38 35.16 19.93 24.22
N LYS C 39 35.05 21.07 24.92
CA LYS C 39 35.65 22.36 24.50
C LYS C 39 37.12 22.21 24.51
N GLN C 40 37.66 21.54 25.52
CA GLN C 40 39.15 21.54 25.66
C GLN C 40 39.69 20.49 24.67
N LEU C 41 38.89 19.45 24.39
CA LEU C 41 39.36 18.49 23.36
C LEU C 41 39.32 19.20 21.95
N ALA C 42 38.35 20.10 21.73
CA ALA C 42 38.28 20.77 20.39
C ALA C 42 39.40 21.81 20.28
N SER C 43 39.71 22.49 21.37
CA SER C 43 40.92 23.43 21.28
C SER C 43 42.24 22.70 21.29
N GLY C 44 42.32 21.49 21.83
CA GLY C 44 43.60 20.75 21.92
C GLY C 44 44.52 21.28 23.03
N GLU C 45 43.91 22.40 23.95
CA GLU C 45 44.71 23.19 24.85
C GLU C 45 45.51 22.29 25.84
N ASN C 46 45.19 20.78 25.99
CA ASN C 46 46.03 19.85 26.79
C ASN C 46 47.13 19.08 26.10
N GLY C 47 47.27 19.26 24.79
CA GLY C 47 48.28 18.58 24.00
C GLY C 47 47.72 17.47 23.16
N PHE C 48 46.36 17.24 23.27
CA PHE C 48 45.76 16.16 22.49
C PHE C 48 44.31 16.58 22.32
N GLY C 49 43.64 16.03 21.31
CA GLY C 49 42.16 16.27 21.15
C GLY C 49 41.69 15.89 19.75
N TYR C 50 40.58 16.56 19.32
CA TYR C 50 39.93 16.01 18.19
C TYR C 50 40.54 16.40 16.82
N LYS C 51 41.44 17.40 16.75
CA LYS C 51 41.97 17.77 15.43
C LYS C 51 42.70 16.58 14.78
N GLY C 52 42.33 16.27 13.56
CA GLY C 52 42.95 15.19 12.80
C GLY C 52 42.26 13.84 13.05
N SER C 53 41.27 13.78 13.96
CA SER C 53 40.54 12.51 14.23
C SER C 53 39.47 12.28 13.18
N ILE C 54 38.84 11.08 13.19
CA ILE C 54 37.92 10.76 12.07
C ILE C 54 36.57 10.37 12.63
N PHE C 55 35.59 10.36 11.74
CA PHE C 55 34.31 9.72 12.09
C PHE C 55 34.45 8.28 11.62
N HIS C 56 34.70 7.34 12.55
CA HIS C 56 35.01 5.94 12.16
C HIS C 56 33.79 4.99 11.90
N ARG C 57 32.60 5.43 12.26
CA ARG C 57 31.37 4.66 12.10
C ARG C 57 30.26 5.64 11.77
N VAL C 58 29.71 5.39 10.58
CA VAL C 58 28.61 6.23 10.09
C VAL C 58 27.44 5.37 9.57
N ILE C 59 26.22 5.71 9.96
CA ILE C 59 25.00 4.86 9.65
C ILE C 59 23.87 5.76 9.11
N ARG C 60 23.48 5.51 7.86
CA ARG C 60 22.51 6.37 7.18
C ARG C 60 21.20 6.34 7.95
N ASN C 61 20.60 7.55 8.09
CA ASN C 61 19.28 7.65 8.75
C ASN C 61 19.43 7.34 10.27
N PHE C 62 20.65 7.48 10.84
CA PHE C 62 20.77 7.17 12.26
C PHE C 62 21.80 8.11 12.91
N MET C 63 23.11 7.96 12.67
CA MET C 63 24.04 8.74 13.49
C MET C 63 25.42 8.72 12.79
N ILE C 64 26.32 9.56 13.25
CA ILE C 64 27.73 9.44 12.91
C ILE C 64 28.46 9.43 14.26
N GLN C 65 29.59 8.73 14.35
CA GLN C 65 30.31 8.59 15.58
C GLN C 65 31.78 8.90 15.43
N GLY C 66 32.29 9.75 16.30
CA GLY C 66 33.69 10.15 16.25
C GLY C 66 34.34 10.28 17.56
N GLY C 67 35.53 10.97 17.58
CA GLY C 67 36.12 11.31 18.88
C GLY C 67 37.22 10.31 19.34
N ASP C 68 37.52 9.23 18.59
CA ASP C 68 38.54 8.27 19.05
C ASP C 68 39.87 8.68 18.55
N PHE C 69 40.46 9.68 19.17
CA PHE C 69 41.76 10.20 18.67
C PHE C 69 42.98 9.35 19.10
N THR C 70 42.77 8.31 19.88
CA THR C 70 43.89 7.39 20.23
C THR C 70 43.96 6.16 19.32
N ASN C 71 42.80 5.49 19.10
CA ASN C 71 42.84 4.28 18.33
C ASN C 71 42.16 4.38 16.95
N PHE C 72 41.42 5.48 16.75
CA PHE C 72 40.78 5.75 15.44
C PHE C 72 39.74 4.68 14.98
N ASP C 73 39.16 3.92 15.93
CA ASP C 73 38.30 2.80 15.56
C ASP C 73 37.14 2.51 16.46
N GLY C 74 36.95 3.28 17.54
CA GLY C 74 35.82 3.07 18.45
C GLY C 74 36.21 2.38 19.76
N THR C 75 37.47 2.04 19.89
CA THR C 75 37.89 1.36 21.14
C THR C 75 38.69 2.25 22.07
N GLY C 76 39.15 3.40 21.56
CA GLY C 76 39.92 4.33 22.41
C GLY C 76 39.34 5.72 22.75
N GLY C 77 40.24 6.68 22.95
CA GLY C 77 39.93 8.04 23.42
C GLY C 77 40.22 8.18 24.88
N LYS C 78 40.15 9.41 25.41
CA LYS C 78 40.34 9.69 26.82
C LYS C 78 39.84 11.07 27.00
N SER C 79 39.48 11.40 28.22
CA SER C 79 38.93 12.69 28.58
C SER C 79 40.04 13.58 29.08
N ILE C 80 39.69 14.86 29.30
CA ILE C 80 40.66 15.79 29.97
C ILE C 80 40.87 15.42 31.47
N TYR C 81 40.04 14.53 32.04
CA TYR C 81 40.02 14.16 33.47
C TYR C 81 40.72 12.85 33.70
N GLY C 82 41.14 12.18 32.63
CA GLY C 82 41.63 10.78 32.71
C GLY C 82 40.92 9.86 31.69
N THR C 83 41.23 8.58 31.70
CA THR C 83 40.59 7.63 30.80
C THR C 83 39.05 7.76 30.72
N ARG C 84 38.41 7.87 31.90
CA ARG C 84 36.94 8.02 31.99
C ARG C 84 36.50 9.03 32.99
N PHE C 85 35.26 9.51 32.82
CA PHE C 85 34.58 10.31 33.81
C PHE C 85 33.09 10.00 33.93
N ASP C 86 32.54 10.40 35.06
CA ASP C 86 31.14 10.02 35.35
C ASP C 86 30.10 10.59 34.43
N ASP C 87 28.97 9.86 34.35
CA ASP C 87 27.75 10.45 33.78
C ASP C 87 27.21 11.64 34.58
N GLU C 88 27.25 12.80 33.95
CA GLU C 88 26.81 13.99 34.65
C GLU C 88 25.30 14.15 34.75
N ASN C 89 24.55 13.79 33.71
CA ASN C 89 23.12 14.01 33.69
C ASN C 89 22.57 13.02 32.72
N LEU C 90 21.62 12.18 33.16
CA LEU C 90 21.04 11.14 32.24
C LEU C 90 19.55 11.46 32.01
N LYS C 91 19.15 12.70 32.40
CA LYS C 91 17.72 13.09 32.28
C LYS C 91 17.44 13.81 30.96
N ILE C 92 18.41 14.60 30.47
CA ILE C 92 18.21 15.28 29.20
C ILE C 92 18.06 14.26 28.03
N LYS C 93 16.98 14.40 27.28
CA LYS C 93 16.68 13.37 26.24
C LYS C 93 17.31 13.67 24.91
N HIS C 94 17.44 12.62 24.10
CA HIS C 94 17.90 12.80 22.70
C HIS C 94 16.83 13.43 21.83
N PHE C 95 17.24 13.84 20.63
CA PHE C 95 16.37 14.55 19.58
C PHE C 95 17.21 14.32 18.34
N VAL C 96 16.65 14.30 17.01
CA VAL C 96 17.39 14.78 15.85
C VAL C 96 18.36 16.01 15.99
N GLY C 97 19.63 15.67 15.76
CA GLY C 97 20.71 16.66 15.90
C GLY C 97 21.29 16.80 17.29
N ALA C 98 20.94 15.86 18.14
CA ALA C 98 21.59 15.78 19.47
C ALA C 98 23.06 15.34 19.33
N VAL C 99 23.87 15.84 20.24
CA VAL C 99 25.29 15.41 20.33
C VAL C 99 25.37 14.76 21.71
N SER C 100 25.89 13.50 21.80
CA SER C 100 25.76 12.74 23.04
C SER C 100 27.03 11.93 23.19
N MET C 101 27.49 11.25 24.40
CA MET C 101 28.70 10.55 24.75
C MET C 101 28.71 9.06 24.11
N ALA C 102 29.44 8.73 23.69
CA ALA C 102 29.56 7.28 23.56
C ALA C 102 30.08 6.74 24.89
N ASN C 103 29.80 5.45 25.15
CA ASN C 103 30.38 4.91 26.41
C ASN C 103 30.47 3.42 26.31
N ALA C 104 30.99 2.84 27.41
CA ALA C 104 31.05 1.38 27.59
C ALA C 104 30.24 0.96 28.84
N GLY C 105 29.10 1.59 29.11
CA GLY C 105 28.42 1.37 30.33
C GLY C 105 28.44 2.57 31.23
N PRO C 106 27.90 2.45 32.42
CA PRO C 106 27.84 3.56 33.29
C PRO C 106 29.22 4.19 33.56
N ASN C 107 29.19 5.50 33.72
CA ASN C 107 30.37 6.29 34.09
C ASN C 107 31.61 5.92 33.35
N SER C 108 31.56 5.90 32.02
CA SER C 108 32.74 5.50 31.29
C SER C 108 32.91 6.46 30.07
N ASN C 109 32.59 7.73 30.28
CA ASN C 109 32.71 8.70 29.16
C ASN C 109 34.19 9.02 29.03
N GLY C 110 34.65 9.24 27.79
CA GLY C 110 36.06 9.51 27.52
C GLY C 110 36.04 10.74 26.56
N SER C 111 36.23 10.46 25.28
CA SER C 111 36.17 11.46 24.24
C SER C 111 35.26 11.12 23.14
N GLN C 112 34.80 9.86 23.02
CA GLN C 112 33.98 9.57 21.81
C GLN C 112 32.51 10.12 21.97
N PHE C 113 31.92 10.53 20.84
CA PHE C 113 30.60 11.13 20.88
C PHE C 113 29.93 10.70 19.56
N PHE C 114 28.63 10.93 19.53
CA PHE C 114 27.92 10.68 18.30
C PHE C 114 26.91 11.84 18.11
N VAL C 115 26.56 12.01 16.85
CA VAL C 115 25.53 13.00 16.44
C VAL C 115 24.40 12.26 15.81
N THR C 116 23.14 12.55 16.26
CA THR C 116 22.06 11.80 15.67
C THR C 116 21.36 12.57 14.54
N THR C 117 20.73 11.83 13.59
CA THR C 117 19.91 12.56 12.57
C THR C 117 18.50 11.94 12.56
N ALA C 118 18.22 11.14 13.54
CA ALA C 118 16.87 10.49 13.65
C ALA C 118 16.49 10.44 15.13
N PRO C 119 15.22 10.30 15.48
CA PRO C 119 14.90 10.11 16.88
C PRO C 119 15.60 8.88 17.45
N THR C 120 16.02 8.94 18.71
CA THR C 120 16.68 7.78 19.35
C THR C 120 16.24 7.71 20.83
N PRO C 121 14.94 7.61 21.11
CA PRO C 121 14.50 7.68 22.53
C PRO C 121 14.96 6.45 23.30
N TRP C 122 15.23 5.33 22.63
CA TRP C 122 15.72 4.13 23.36
C TRP C 122 17.13 4.29 23.96
N LEU C 123 17.80 5.39 23.61
CA LEU C 123 19.17 5.70 24.17
C LEU C 123 19.05 6.67 25.35
N ASP C 124 17.83 7.22 25.56
CA ASP C 124 17.63 8.09 26.76
C ASP C 124 17.95 7.34 28.08
N GLY C 125 18.67 8.02 28.99
CA GLY C 125 19.00 7.47 30.30
C GLY C 125 20.27 6.64 30.28
N ARG C 126 20.86 6.43 29.11
CA ARG C 126 22.11 5.67 29.02
C ARG C 126 23.28 6.44 28.48
N HIS C 127 23.05 7.53 27.74
CA HIS C 127 24.12 8.37 27.16
C HIS C 127 23.85 9.82 27.54
N VAL C 128 24.94 10.52 27.93
CA VAL C 128 24.76 11.94 28.30
C VAL C 128 24.63 12.78 27.07
N VAL C 129 23.49 13.41 26.93
CA VAL C 129 23.25 14.45 25.84
C VAL C 129 23.79 15.79 26.35
N PHE C 130 24.70 16.39 25.57
CA PHE C 130 25.33 17.59 26.00
C PHE C 130 25.41 18.71 24.98
N GLY C 131 24.75 18.57 23.82
CA GLY C 131 24.68 19.67 22.88
C GLY C 131 23.84 19.32 21.65
N LYS C 132 23.93 20.16 20.63
CA LYS C 132 23.12 19.91 19.44
C LYS C 132 23.76 20.62 18.32
N VAL C 133 23.50 20.10 17.07
CA VAL C 133 24.02 20.82 15.93
C VAL C 133 23.22 22.11 15.67
N VAL C 134 23.93 23.21 15.63
CA VAL C 134 23.26 24.57 15.42
C VAL C 134 23.59 25.10 14.08
N GLU C 135 24.59 24.55 13.37
CA GLU C 135 24.71 24.91 11.94
C GLU C 135 25.28 23.72 11.29
N GLY C 136 24.94 23.46 10.02
CA GLY C 136 25.59 22.36 9.34
C GLY C 136 24.93 20.96 9.31
N MET C 137 23.58 20.86 9.37
CA MET C 137 23.00 19.53 9.42
C MET C 137 23.17 18.89 8.04
N ASP C 138 23.25 19.69 7.01
CA ASP C 138 23.56 19.02 5.72
C ASP C 138 24.99 18.47 5.60
N VAL C 139 25.94 19.00 6.33
CA VAL C 139 27.33 18.43 6.38
C VAL C 139 27.29 17.08 7.10
N VAL C 140 26.54 17.04 8.21
CA VAL C 140 26.24 15.76 8.91
C VAL C 140 25.66 14.73 7.97
N LYS C 141 24.63 15.12 7.21
CA LYS C 141 24.04 14.20 6.22
C LYS C 141 25.04 13.79 5.18
N LYS C 142 25.90 14.73 4.69
CA LYS C 142 26.95 14.28 3.70
C LYS C 142 27.84 13.21 4.32
N VAL C 143 28.27 13.44 5.55
CA VAL C 143 29.05 12.41 6.31
C VAL C 143 28.27 11.07 6.47
N GLU C 144 27.03 11.19 6.90
CA GLU C 144 26.26 9.99 7.10
C GLU C 144 26.14 9.13 5.84
N ASN C 145 26.01 9.81 4.68
CA ASN C 145 25.76 9.12 3.44
C ASN C 145 26.99 8.82 2.63
N THR C 146 28.16 9.12 3.14
CA THR C 146 29.35 8.72 2.43
C THR C 146 29.53 7.17 2.26
N LYS C 147 30.17 6.74 1.16
CA LYS C 147 30.33 5.29 0.99
C LYS C 147 31.16 4.61 2.10
N THR C 148 30.58 3.53 2.61
CA THR C 148 31.25 2.78 3.67
C THR C 148 31.56 1.33 3.24
N GLY C 149 32.49 0.77 3.98
CA GLY C 149 32.88 -0.62 3.85
C GLY C 149 32.45 -1.38 5.10
N LEU C 150 33.29 -2.35 5.51
CA LEU C 150 32.85 -3.16 6.65
C LEU C 150 32.84 -2.22 7.89
N ASN C 151 32.10 -2.60 8.96
CA ASN C 151 32.08 -1.88 10.23
C ASN C 151 31.55 -0.48 10.07
N ASP C 152 30.79 -0.25 8.97
CA ASP C 152 30.18 1.07 8.65
C ASP C 152 31.29 2.10 8.61
N LYS C 153 32.52 1.71 8.24
CA LYS C 153 33.61 2.66 8.23
C LYS C 153 33.73 3.37 6.84
N PRO C 154 33.75 4.69 6.78
CA PRO C 154 33.89 5.34 5.46
C PRO C 154 35.08 4.83 4.67
N LYS C 155 34.85 4.61 3.37
CA LYS C 155 35.94 4.22 2.44
C LYS C 155 36.98 5.35 2.30
N LYS C 156 36.53 6.60 2.27
CA LYS C 156 37.41 7.73 2.34
C LYS C 156 37.34 8.38 3.73
N ALA C 157 38.48 8.78 4.29
CA ALA C 157 38.57 9.19 5.71
C ALA C 157 37.71 10.48 5.83
N VAL C 158 36.82 10.48 6.84
CA VAL C 158 36.01 11.70 7.13
C VAL C 158 36.69 12.29 8.38
N LYS C 159 37.52 13.30 8.06
CA LYS C 159 38.44 13.89 9.02
C LYS C 159 37.96 15.22 9.63
N ILE C 160 38.12 15.40 10.97
CA ILE C 160 38.00 16.74 11.57
C ILE C 160 39.34 17.43 11.15
N ASN C 161 39.33 18.18 10.06
CA ASN C 161 40.64 18.78 9.59
C ASN C 161 41.06 19.96 10.45
N ASP C 162 40.06 20.62 10.97
CA ASP C 162 40.33 21.65 11.98
C ASP C 162 39.20 21.74 12.95
N CYS C 163 39.42 22.20 14.19
CA CYS C 163 38.32 22.36 15.17
C CYS C 163 38.75 23.34 16.22
N GLY C 164 37.78 23.87 16.95
CA GLY C 164 38.10 24.91 17.91
C GLY C 164 36.87 25.45 18.52
N VAL C 165 37.07 26.39 19.44
CA VAL C 165 36.00 26.95 20.19
C VAL C 165 35.65 28.38 19.75
N LEU C 166 34.39 28.57 19.42
CA LEU C 166 33.91 29.84 18.83
C LEU C 166 33.78 31.00 19.83
N MET D 1 -19.40 -38.91 3.25
CA MET D 1 -19.55 -37.44 3.03
C MET D 1 -18.91 -36.88 4.30
N PRO D 2 -18.35 -35.70 4.20
CA PRO D 2 -17.70 -35.08 5.39
C PRO D 2 -18.72 -34.89 6.50
N VAL D 3 -18.22 -34.93 7.72
CA VAL D 3 -19.08 -34.83 8.86
C VAL D 3 -19.30 -33.44 9.37
N VAL D 4 -20.56 -33.11 9.56
CA VAL D 4 -20.88 -31.81 10.17
C VAL D 4 -20.60 -31.79 11.69
N THR D 5 -19.90 -30.72 12.18
CA THR D 5 -19.50 -30.63 13.60
C THR D 5 -20.06 -29.44 14.27
N ASP D 6 -20.52 -28.45 13.48
CA ASP D 6 -21.16 -27.29 14.01
C ASP D 6 -22.11 -26.68 12.98
N LYS D 7 -23.03 -25.85 13.45
CA LYS D 7 -24.03 -25.25 12.57
C LYS D 7 -24.17 -23.74 12.77
N VAL D 8 -24.31 -23.04 11.65
CA VAL D 8 -24.54 -21.61 11.63
C VAL D 8 -25.90 -21.37 11.00
N TYR D 9 -26.58 -20.33 11.51
CA TYR D 9 -27.82 -19.83 10.91
C TYR D 9 -27.73 -18.47 10.32
N PHE D 10 -28.43 -18.29 9.20
CA PHE D 10 -28.61 -16.97 8.61
C PHE D 10 -30.11 -16.72 8.48
N ASP D 11 -30.63 -15.65 9.08
CA ASP D 11 -32.02 -15.21 8.79
C ASP D 11 -31.97 -14.16 7.69
N ILE D 12 -32.63 -14.41 6.56
CA ILE D 12 -32.45 -13.58 5.37
C ILE D 12 -33.66 -12.70 5.16
N THR D 13 -33.46 -11.43 4.84
CA THR D 13 -34.56 -10.62 4.33
C THR D 13 -34.29 -10.18 2.88
N ILE D 14 -35.34 -9.94 2.12
CA ILE D 14 -35.14 -9.36 0.76
C ILE D 14 -35.94 -8.03 0.79
N GLY D 15 -35.26 -6.89 0.61
CA GLY D 15 -36.01 -5.64 0.77
C GLY D 15 -36.61 -5.49 2.16
N ASP D 16 -35.86 -5.90 3.18
CA ASP D 16 -36.32 -5.86 4.57
C ASP D 16 -37.55 -6.74 4.92
N GLU D 17 -38.05 -7.55 3.95
CA GLU D 17 -39.05 -8.57 4.17
C GLU D 17 -38.39 -9.92 4.51
N PRO D 18 -38.76 -10.52 5.60
CA PRO D 18 -38.14 -11.82 5.90
C PRO D 18 -38.55 -12.88 4.91
N VAL D 19 -37.54 -13.66 4.47
CA VAL D 19 -37.77 -14.79 3.55
C VAL D 19 -37.35 -16.16 4.12
N GLY D 20 -36.91 -16.19 5.35
CA GLY D 20 -36.60 -17.48 6.01
C GLY D 20 -35.14 -17.66 6.43
N ARG D 21 -34.90 -18.83 6.97
CA ARG D 21 -33.58 -19.17 7.55
C ARG D 21 -32.86 -20.21 6.70
N VAL D 22 -31.52 -20.01 6.52
CA VAL D 22 -30.66 -21.07 5.93
C VAL D 22 -29.78 -21.53 7.12
N VAL D 23 -29.63 -22.83 7.30
CA VAL D 23 -28.68 -23.42 8.33
C VAL D 23 -27.60 -24.10 7.54
N ILE D 24 -26.33 -23.79 7.89
CA ILE D 24 -25.17 -24.34 7.21
C ILE D 24 -24.44 -25.28 8.21
N GLY D 25 -24.22 -26.55 7.80
CA GLY D 25 -23.43 -27.48 8.63
C GLY D 25 -22.01 -27.34 8.11
N LEU D 26 -21.09 -27.38 9.08
CA LEU D 26 -19.65 -27.10 8.86
C LEU D 26 -18.80 -28.28 9.13
N PHE D 27 -17.73 -28.43 8.33
CA PHE D 27 -16.88 -29.65 8.34
C PHE D 27 -15.63 -29.35 9.15
N GLY D 28 -15.87 -29.18 10.45
CA GLY D 28 -14.77 -28.78 11.34
C GLY D 28 -13.69 -29.79 11.60
N ASN D 29 -13.97 -31.05 11.39
CA ASN D 29 -12.87 -32.07 11.39
C ASN D 29 -11.88 -32.01 10.19
N ASP D 30 -12.34 -31.58 8.99
CA ASP D 30 -11.56 -31.56 7.76
C ASP D 30 -10.91 -30.20 7.55
N VAL D 31 -11.59 -29.10 7.98
CA VAL D 31 -11.05 -27.73 7.73
C VAL D 31 -11.28 -26.82 8.94
N PRO D 32 -10.67 -27.17 10.07
CA PRO D 32 -10.96 -26.41 11.30
C PRO D 32 -10.69 -24.95 11.24
N LYS D 33 -9.61 -24.47 10.58
CA LYS D 33 -9.30 -23.02 10.63
C LYS D 33 -10.35 -22.26 9.80
N THR D 34 -10.78 -22.88 8.70
CA THR D 34 -11.69 -22.22 7.82
C THR D 34 -13.10 -22.23 8.48
N VAL D 35 -13.41 -23.29 9.23
CA VAL D 35 -14.71 -23.35 9.95
C VAL D 35 -14.74 -22.37 11.15
N GLU D 36 -13.61 -22.25 11.86
CA GLU D 36 -13.48 -21.26 12.98
C GLU D 36 -13.65 -19.81 12.50
N ASN D 37 -13.10 -19.48 11.32
CA ASN D 37 -13.30 -18.19 10.69
C ASN D 37 -14.79 -17.98 10.44
N PHE D 38 -15.47 -18.91 9.78
CA PHE D 38 -16.89 -18.74 9.48
C PHE D 38 -17.75 -18.61 10.73
N LYS D 39 -17.52 -19.46 11.74
CA LYS D 39 -18.30 -19.35 12.98
C LYS D 39 -18.08 -18.05 13.67
N GLN D 40 -16.88 -17.53 13.71
CA GLN D 40 -16.68 -16.28 14.43
C GLN D 40 -17.20 -15.02 13.67
N LEU D 41 -17.14 -15.12 12.32
CA LEU D 41 -17.82 -14.14 11.49
C LEU D 41 -19.29 -14.20 11.69
N ALA D 42 -19.87 -15.41 11.84
CA ALA D 42 -21.27 -15.46 12.11
C ALA D 42 -21.69 -14.92 13.44
N SER D 43 -20.92 -15.29 14.46
CA SER D 43 -21.29 -14.77 15.80
C SER D 43 -21.00 -13.32 15.95
N GLY D 44 -20.09 -12.78 15.12
CA GLY D 44 -19.63 -11.42 15.22
C GLY D 44 -18.79 -11.06 16.49
N GLU D 45 -18.21 -12.05 17.09
CA GLU D 45 -17.59 -12.00 18.45
C GLU D 45 -16.44 -11.00 18.40
N ASN D 46 -15.74 -10.90 17.26
CA ASN D 46 -14.53 -9.97 17.18
C ASN D 46 -14.89 -8.51 16.81
N GLY D 47 -16.21 -8.17 16.64
CA GLY D 47 -16.62 -6.79 16.36
C GLY D 47 -16.90 -6.56 14.92
N PHE D 48 -16.82 -7.64 14.15
CA PHE D 48 -17.12 -7.54 12.71
C PHE D 48 -17.59 -8.94 12.26
N GLY D 49 -18.27 -8.98 11.11
CA GLY D 49 -18.76 -10.24 10.56
C GLY D 49 -19.98 -10.11 9.67
N TYR D 50 -20.75 -11.23 9.55
CA TYR D 50 -21.75 -11.28 8.58
C TYR D 50 -23.08 -10.58 8.82
N LYS D 51 -23.40 -10.25 10.07
CA LYS D 51 -24.71 -9.63 10.28
C LYS D 51 -24.77 -8.28 9.57
N GLY D 52 -25.86 -8.07 8.86
CA GLY D 52 -26.10 -6.95 7.97
C GLY D 52 -25.37 -6.92 6.64
N SER D 53 -24.55 -7.95 6.36
CA SER D 53 -23.91 -8.09 5.03
C SER D 53 -24.96 -8.58 4.02
N ILE D 54 -24.64 -8.48 2.69
CA ILE D 54 -25.65 -8.85 1.73
C ILE D 54 -25.10 -9.92 0.79
N PHE D 55 -26.01 -10.54 0.07
CA PHE D 55 -25.59 -11.37 -1.14
C PHE D 55 -25.49 -10.49 -2.34
N HIS D 56 -24.28 -10.09 -2.65
CA HIS D 56 -24.12 -9.00 -3.66
C HIS D 56 -24.19 -9.51 -5.08
N ARG D 57 -24.06 -10.82 -5.31
CA ARG D 57 -24.19 -11.40 -6.64
C ARG D 57 -24.97 -12.69 -6.54
N VAL D 58 -26.00 -12.84 -7.36
CA VAL D 58 -26.78 -14.06 -7.34
C VAL D 58 -26.95 -14.53 -8.80
N ILE D 59 -26.80 -15.84 -9.02
CA ILE D 59 -26.98 -16.42 -10.38
C ILE D 59 -28.07 -17.47 -10.39
N ARG D 60 -29.20 -17.21 -11.04
CA ARG D 60 -30.29 -18.13 -11.16
C ARG D 60 -29.72 -19.56 -11.53
N ASN D 61 -30.18 -20.59 -10.84
CA ASN D 61 -29.83 -22.01 -11.15
C ASN D 61 -28.47 -22.47 -10.78
N PHE D 62 -27.87 -21.68 -9.89
CA PHE D 62 -26.53 -21.88 -9.79
C PHE D 62 -25.93 -21.61 -8.37
N MET D 63 -25.91 -20.35 -7.97
CA MET D 63 -25.14 -19.96 -6.75
C MET D 63 -25.55 -18.57 -6.23
N ILE D 64 -25.27 -18.33 -4.97
CA ILE D 64 -25.42 -17.01 -4.35
C ILE D 64 -24.04 -16.77 -3.72
N GLN D 65 -23.58 -15.51 -3.79
CA GLN D 65 -22.24 -15.10 -3.37
C GLN D 65 -22.43 -13.98 -2.31
N GLY D 66 -21.85 -14.20 -1.14
CA GLY D 66 -21.92 -13.25 -0.06
C GLY D 66 -20.64 -13.04 0.74
N GLY D 67 -20.80 -12.36 1.91
CA GLY D 67 -19.68 -12.28 2.83
C GLY D 67 -18.74 -11.12 2.73
N ASP D 68 -19.04 -10.18 1.79
CA ASP D 68 -18.14 -9.02 1.68
C ASP D 68 -18.68 -7.86 2.63
N PHE D 69 -18.36 -8.00 3.89
CA PHE D 69 -19.00 -7.15 4.92
C PHE D 69 -18.23 -5.81 5.01
N THR D 70 -17.15 -5.71 4.25
CA THR D 70 -16.41 -4.41 4.17
C THR D 70 -16.85 -3.50 2.98
N ASN D 71 -16.89 -4.05 1.78
CA ASN D 71 -17.18 -3.25 0.57
C ASN D 71 -18.49 -3.57 -0.13
N PHE D 72 -19.18 -4.66 0.26
CA PHE D 72 -20.52 -4.99 -0.23
C PHE D 72 -20.61 -5.17 -1.75
N ASP D 73 -19.46 -5.51 -2.36
CA ASP D 73 -19.42 -5.58 -3.83
C ASP D 73 -18.52 -6.66 -4.50
N GLY D 74 -17.91 -7.53 -3.67
CA GLY D 74 -17.02 -8.60 -4.14
C GLY D 74 -15.55 -8.20 -4.05
N THR D 75 -15.27 -6.94 -3.67
CA THR D 75 -13.83 -6.52 -3.62
C THR D 75 -13.20 -6.52 -2.26
N GLY D 76 -14.03 -6.77 -1.24
CA GLY D 76 -13.64 -6.67 0.17
C GLY D 76 -13.70 -7.97 1.02
N GLY D 77 -13.86 -7.77 2.32
CA GLY D 77 -13.86 -8.81 3.35
C GLY D 77 -12.55 -9.03 4.00
N LYS D 78 -12.53 -9.67 5.17
CA LYS D 78 -11.25 -10.00 5.78
C LYS D 78 -11.60 -11.17 6.71
N SER D 79 -10.54 -11.92 7.05
CA SER D 79 -10.71 -13.10 7.91
C SER D 79 -10.53 -12.67 9.37
N ILE D 80 -10.78 -13.61 10.28
CA ILE D 80 -10.43 -13.34 11.70
C ILE D 80 -8.93 -13.35 11.95
N TYR D 81 -8.16 -13.84 10.98
CA TYR D 81 -6.72 -14.01 11.16
C TYR D 81 -5.96 -12.85 10.59
N GLY D 82 -6.58 -11.97 9.80
CA GLY D 82 -5.77 -11.03 9.02
C GLY D 82 -6.50 -10.85 7.70
N THR D 83 -5.96 -10.03 6.80
CA THR D 83 -6.70 -9.82 5.55
C THR D 83 -7.08 -11.15 4.83
N ARG D 84 -6.08 -12.06 4.68
CA ARG D 84 -6.24 -13.29 3.85
C ARG D 84 -5.56 -14.42 4.55
N PHE D 85 -6.04 -15.67 4.28
CA PHE D 85 -5.40 -16.83 4.88
C PHE D 85 -5.33 -17.99 3.91
N ASP D 86 -4.44 -18.96 4.14
CA ASP D 86 -4.09 -19.95 3.13
C ASP D 86 -5.17 -20.97 2.94
N ASP D 87 -5.11 -21.66 1.79
CA ASP D 87 -6.09 -22.77 1.52
C ASP D 87 -5.75 -23.91 2.47
N GLU D 88 -6.73 -24.28 3.29
CA GLU D 88 -6.48 -25.24 4.37
C GLU D 88 -6.44 -26.69 3.88
N ASN D 89 -7.31 -27.04 2.96
CA ASN D 89 -7.51 -28.44 2.45
C ASN D 89 -8.41 -28.26 1.29
N LEU D 90 -8.00 -28.80 0.15
CA LEU D 90 -8.74 -28.63 -1.09
C LEU D 90 -9.23 -29.96 -1.61
N LYS D 91 -9.25 -30.95 -0.73
CA LYS D 91 -9.60 -32.34 -1.05
C LYS D 91 -11.12 -32.48 -1.25
N ILE D 92 -11.90 -31.75 -0.50
CA ILE D 92 -13.38 -31.94 -0.51
C ILE D 92 -13.90 -31.35 -1.82
N LYS D 93 -14.58 -32.17 -2.63
CA LYS D 93 -15.06 -31.65 -3.93
C LYS D 93 -16.46 -30.98 -3.70
N HIS D 94 -16.84 -30.12 -4.66
CA HIS D 94 -18.12 -29.46 -4.62
C HIS D 94 -19.23 -30.44 -4.92
N PHE D 95 -20.44 -29.92 -4.61
CA PHE D 95 -21.73 -30.67 -4.77
C PHE D 95 -22.84 -29.73 -4.53
N VAL D 96 -24.05 -30.11 -4.96
CA VAL D 96 -25.23 -29.24 -4.75
C VAL D 96 -25.45 -28.95 -3.25
N GLY D 97 -25.45 -27.66 -2.89
CA GLY D 97 -25.62 -27.25 -1.47
C GLY D 97 -24.27 -27.04 -0.79
N ALA D 98 -23.18 -27.14 -1.52
CA ALA D 98 -21.90 -26.84 -0.83
C ALA D 98 -21.77 -25.38 -0.47
N VAL D 99 -20.95 -25.14 0.55
CA VAL D 99 -20.59 -23.76 0.99
C VAL D 99 -19.08 -23.73 0.89
N SER D 100 -18.59 -22.77 0.11
CA SER D 100 -17.17 -22.78 -0.29
C SER D 100 -16.59 -21.36 -0.25
N MET D 101 -15.28 -21.24 -0.07
CA MET D 101 -14.71 -19.91 -0.01
C MET D 101 -14.50 -19.28 -1.37
N ALA D 102 -14.89 -18.03 -1.52
CA ALA D 102 -14.55 -17.27 -2.69
C ALA D 102 -13.08 -16.89 -2.61
N ASN D 103 -12.42 -16.65 -3.75
CA ASN D 103 -11.02 -16.19 -3.68
C ASN D 103 -10.67 -15.65 -5.06
N ALA D 104 -9.48 -15.04 -5.11
CA ALA D 104 -8.99 -14.51 -6.37
C ALA D 104 -7.71 -15.29 -6.77
N GLY D 105 -7.49 -16.45 -6.20
CA GLY D 105 -6.33 -17.25 -6.58
C GLY D 105 -5.91 -18.02 -5.33
N PRO D 106 -4.79 -18.74 -5.39
CA PRO D 106 -4.36 -19.60 -4.28
C PRO D 106 -4.13 -18.77 -3.01
N ASN D 107 -4.43 -19.42 -1.88
CA ASN D 107 -4.18 -18.82 -0.55
C ASN D 107 -4.67 -17.33 -0.42
N SER D 108 -5.94 -17.10 -0.78
CA SER D 108 -6.45 -15.71 -0.66
C SER D 108 -7.90 -15.73 -0.14
N ASN D 109 -8.12 -16.58 0.85
CA ASN D 109 -9.46 -16.67 1.54
C ASN D 109 -9.53 -15.53 2.50
N GLY D 110 -10.72 -14.93 2.61
CA GLY D 110 -10.95 -13.76 3.56
C GLY D 110 -12.24 -14.11 4.31
N SER D 111 -13.34 -13.45 3.93
CA SER D 111 -14.65 -13.77 4.44
C SER D 111 -15.68 -14.11 3.38
N GLN D 112 -15.42 -13.73 2.11
CA GLN D 112 -16.44 -14.07 1.11
C GLN D 112 -16.60 -15.59 0.87
N PHE D 113 -17.82 -15.95 0.51
CA PHE D 113 -18.15 -17.37 0.31
C PHE D 113 -19.30 -17.49 -0.63
N PHE D 114 -19.48 -18.71 -1.17
CA PHE D 114 -20.69 -18.87 -1.98
C PHE D 114 -21.36 -20.12 -1.61
N VAL D 115 -22.62 -20.24 -2.06
CA VAL D 115 -23.51 -21.42 -1.70
C VAL D 115 -24.02 -21.87 -3.07
N THR D 116 -23.83 -23.16 -3.39
CA THR D 116 -24.22 -23.63 -4.73
C THR D 116 -25.58 -24.37 -4.72
N THR D 117 -26.24 -24.40 -5.87
CA THR D 117 -27.44 -25.25 -5.96
C THR D 117 -27.35 -26.08 -7.28
N ALA D 118 -26.13 -26.22 -7.80
CA ALA D 118 -25.88 -27.03 -9.01
C ALA D 118 -24.50 -27.61 -8.96
N PRO D 119 -24.14 -28.59 -9.78
CA PRO D 119 -22.73 -29.06 -9.72
C PRO D 119 -21.83 -27.94 -10.14
N THR D 120 -20.68 -27.90 -9.49
CA THR D 120 -19.67 -26.90 -9.93
C THR D 120 -18.28 -27.50 -9.80
N PRO D 121 -17.97 -28.59 -10.51
CA PRO D 121 -16.67 -29.30 -10.34
C PRO D 121 -15.54 -28.41 -10.88
N TRP D 122 -15.81 -27.42 -11.74
CA TRP D 122 -14.71 -26.53 -12.19
C TRP D 122 -14.05 -25.75 -11.03
N LEU D 123 -14.72 -25.66 -9.89
CA LEU D 123 -14.13 -24.93 -8.73
C LEU D 123 -13.29 -25.86 -7.83
N ASP D 124 -13.44 -27.17 -8.05
CA ASP D 124 -12.60 -28.21 -7.35
C ASP D 124 -11.11 -27.91 -7.56
N GLY D 125 -10.40 -28.00 -6.44
CA GLY D 125 -8.94 -27.82 -6.53
C GLY D 125 -8.53 -26.36 -6.37
N ARG D 126 -9.49 -25.41 -6.39
CA ARG D 126 -9.20 -24.04 -6.28
C ARG D 126 -9.93 -23.36 -5.15
N HIS D 127 -11.15 -23.85 -4.86
CA HIS D 127 -11.90 -23.20 -3.68
C HIS D 127 -12.11 -24.20 -2.54
N VAL D 128 -11.88 -23.75 -1.30
CA VAL D 128 -12.00 -24.64 -0.14
C VAL D 128 -13.49 -24.81 0.23
N VAL D 129 -13.96 -26.06 0.15
CA VAL D 129 -15.34 -26.41 0.57
C VAL D 129 -15.28 -26.68 2.06
N PHE D 130 -16.15 -26.04 2.82
CA PHE D 130 -16.10 -26.16 4.28
C PHE D 130 -17.41 -26.47 4.92
N GLY D 131 -18.44 -26.64 4.10
CA GLY D 131 -19.72 -26.97 4.70
C GLY D 131 -20.82 -27.22 3.68
N LYS D 132 -22.08 -27.25 4.13
CA LYS D 132 -23.23 -27.62 3.26
C LYS D 132 -24.49 -27.08 3.91
N VAL D 133 -25.47 -26.71 3.05
CA VAL D 133 -26.79 -26.33 3.52
C VAL D 133 -27.52 -27.57 4.13
N VAL D 134 -27.84 -27.48 5.43
CA VAL D 134 -28.63 -28.54 6.10
C VAL D 134 -30.05 -28.21 6.28
N GLU D 135 -30.41 -26.93 6.13
CA GLU D 135 -31.88 -26.56 6.18
C GLU D 135 -31.97 -25.36 5.33
N GLY D 136 -33.05 -25.25 4.54
CA GLY D 136 -33.29 -23.96 3.86
C GLY D 136 -32.90 -23.88 2.39
N MET D 137 -32.74 -25.01 1.69
CA MET D 137 -32.42 -24.92 0.27
C MET D 137 -33.48 -24.10 -0.52
N ASP D 138 -34.74 -24.13 -0.13
CA ASP D 138 -35.72 -23.25 -0.82
C ASP D 138 -35.51 -21.77 -0.54
N VAL D 139 -34.97 -21.39 0.63
CA VAL D 139 -34.56 -20.01 0.90
C VAL D 139 -33.43 -19.63 -0.04
N VAL D 140 -32.49 -20.57 -0.21
CA VAL D 140 -31.37 -20.27 -1.11
C VAL D 140 -31.97 -20.05 -2.53
N LYS D 141 -32.96 -20.86 -2.91
CA LYS D 141 -33.59 -20.68 -4.21
C LYS D 141 -34.27 -19.29 -4.33
N LYS D 142 -34.93 -18.87 -3.26
CA LYS D 142 -35.59 -17.52 -3.24
C LYS D 142 -34.63 -16.40 -3.50
N VAL D 143 -33.43 -16.54 -2.93
CA VAL D 143 -32.32 -15.59 -3.10
C VAL D 143 -31.80 -15.69 -4.51
N GLU D 144 -31.56 -16.89 -5.03
CA GLU D 144 -31.00 -16.89 -6.42
C GLU D 144 -31.93 -16.36 -7.51
N ASN D 145 -33.22 -16.47 -7.26
CA ASN D 145 -34.26 -16.05 -8.21
C ASN D 145 -34.83 -14.61 -8.00
N THR D 146 -34.25 -13.85 -7.08
CA THR D 146 -34.64 -12.45 -6.88
C THR D 146 -34.31 -11.62 -8.13
N LYS D 147 -35.14 -10.63 -8.49
CA LYS D 147 -34.73 -9.85 -9.67
C LYS D 147 -33.42 -9.12 -9.50
N THR D 148 -32.65 -9.11 -10.58
CA THR D 148 -31.34 -8.51 -10.59
C THR D 148 -31.17 -7.54 -11.73
N GLY D 149 -30.22 -6.64 -11.49
CA GLY D 149 -29.72 -5.70 -12.49
C GLY D 149 -28.37 -6.09 -13.10
N LEU D 150 -27.58 -5.05 -13.35
CA LEU D 150 -26.27 -5.31 -13.95
C LEU D 150 -25.46 -6.07 -12.92
N ASN D 151 -24.52 -6.85 -13.49
CA ASN D 151 -23.66 -7.71 -12.74
C ASN D 151 -24.43 -8.64 -11.80
N ASP D 152 -25.70 -8.99 -12.11
CA ASP D 152 -26.41 -9.99 -11.29
C ASP D 152 -26.57 -9.48 -9.81
N LYS D 153 -26.59 -8.16 -9.60
CA LYS D 153 -26.83 -7.54 -8.25
C LYS D 153 -28.30 -7.47 -7.93
N PRO D 154 -28.75 -8.06 -6.79
CA PRO D 154 -30.19 -7.99 -6.46
C PRO D 154 -30.68 -6.50 -6.44
N LYS D 155 -31.76 -6.27 -7.15
CA LYS D 155 -32.41 -4.97 -7.09
C LYS D 155 -32.91 -4.57 -5.69
N LYS D 156 -33.35 -5.54 -4.92
CA LYS D 156 -33.65 -5.29 -3.48
C LYS D 156 -32.58 -6.01 -2.69
N ALA D 157 -32.06 -5.36 -1.65
CA ALA D 157 -30.92 -5.93 -0.92
C ALA D 157 -31.39 -7.24 -0.26
N VAL D 158 -30.56 -8.26 -0.43
CA VAL D 158 -30.70 -9.55 0.22
C VAL D 158 -29.74 -9.51 1.37
N LYS D 159 -30.26 -9.33 2.59
CA LYS D 159 -29.43 -9.07 3.75
C LYS D 159 -29.41 -10.28 4.67
N ILE D 160 -28.31 -10.52 5.36
CA ILE D 160 -28.30 -11.46 6.45
C ILE D 160 -28.72 -10.58 7.68
N ASN D 161 -30.01 -10.59 7.92
CA ASN D 161 -30.57 -9.75 9.02
C ASN D 161 -30.11 -10.19 10.38
N ASP D 162 -29.88 -11.49 10.54
CA ASP D 162 -29.30 -11.97 11.76
C ASP D 162 -28.61 -13.24 11.50
N CYS D 163 -27.71 -13.61 12.41
CA CYS D 163 -26.94 -14.83 12.22
C CYS D 163 -26.26 -15.25 13.46
N GLY D 164 -25.72 -16.45 13.50
CA GLY D 164 -25.09 -16.92 14.73
C GLY D 164 -24.72 -18.35 14.65
N VAL D 165 -24.15 -18.89 15.74
CA VAL D 165 -23.73 -20.28 15.73
C VAL D 165 -24.73 -21.00 16.59
N LEU D 166 -25.32 -22.08 16.08
CA LEU D 166 -26.16 -22.93 16.99
C LEU D 166 -25.42 -23.62 18.13
#